data_2OHD
#
_entry.id   2OHD
#
_cell.length_a   123.310
_cell.length_b   78.578
_cell.length_c   112.671
_cell.angle_alpha   90.00
_cell.angle_beta   118.06
_cell.angle_gamma   90.00
#
_symmetry.space_group_name_H-M   'C 1 2 1'
#
loop_
_entity.id
_entity.type
_entity.pdbx_description
1 polymer 'Probable molybdenum cofactor biosynthesis protein C'
2 water water
#
_entity_poly.entity_id   1
_entity_poly.type   'polypeptide(L)'
_entity_poly.pdbx_seq_one_letter_code
;MTEAKIVDISSKDIVLREAVVEGYIKLRKETIEKIKNKEVEKGDVITVAKTAGILAAKKTPELIPMCHPIPLEFVDVEIK
IEEEGLRVISTVKAHYKTGVEMEALTATSVALLTIWDMVKKYEKDENGQYPYTEIKSIRVINKIKTYDDMK
;
_entity_poly.pdbx_strand_id   A,B,C,D,E,F
#
# COMPACT_ATOMS: atom_id res chain seq x y z
N LYS A 5 5.84 -1.91 20.57
CA LYS A 5 6.36 -3.13 19.87
C LYS A 5 5.17 -4.03 19.52
N ILE A 6 5.43 -5.01 18.67
CA ILE A 6 4.39 -5.96 18.29
C ILE A 6 4.63 -7.18 19.18
N VAL A 7 3.78 -7.33 20.19
CA VAL A 7 3.87 -8.42 21.16
C VAL A 7 4.20 -9.76 20.53
N ASP A 8 5.01 -10.54 21.21
CA ASP A 8 5.43 -11.85 20.73
C ASP A 8 4.34 -12.89 20.91
N ILE A 9 3.83 -13.42 19.80
CA ILE A 9 2.80 -14.45 19.84
C ILE A 9 3.39 -15.83 19.53
N SER A 10 4.71 -15.89 19.41
CA SER A 10 5.45 -17.13 19.11
C SER A 10 4.83 -18.35 19.78
N SER A 11 4.90 -18.39 21.11
CA SER A 11 4.37 -19.50 21.87
C SER A 11 2.89 -19.35 22.20
N LYS A 12 2.09 -19.11 21.16
CA LYS A 12 0.64 -18.98 21.29
C LYS A 12 0.11 -20.12 20.42
N ASP A 13 -1.03 -20.69 20.78
CA ASP A 13 -1.56 -21.80 19.99
C ASP A 13 -2.41 -21.32 18.82
N ILE A 14 -2.45 -22.14 17.77
CA ILE A 14 -3.23 -21.85 16.58
C ILE A 14 -4.65 -22.30 16.86
N VAL A 15 -5.55 -21.33 17.03
CA VAL A 15 -6.94 -21.62 17.33
C VAL A 15 -7.92 -20.72 16.58
N LEU A 16 -9.18 -21.10 16.63
CA LEU A 16 -10.24 -20.35 15.98
C LEU A 16 -10.40 -18.98 16.62
N ARG A 17 -10.34 -17.94 15.79
CA ARG A 17 -10.50 -16.56 16.24
C ARG A 17 -11.63 -15.97 15.39
N GLU A 18 -12.63 -15.39 16.04
CA GLU A 18 -13.75 -14.81 15.33
C GLU A 18 -14.27 -13.61 16.11
N ALA A 19 -14.68 -12.56 15.39
CA ALA A 19 -15.19 -11.36 16.04
C ALA A 19 -16.25 -10.65 15.21
N VAL A 20 -17.24 -10.09 15.90
CA VAL A 20 -18.32 -9.37 15.24
C VAL A 20 -18.37 -7.95 15.79
N VAL A 21 -18.23 -6.97 14.89
CA VAL A 21 -18.26 -5.57 15.30
C VAL A 21 -19.40 -4.85 14.59
N GLU A 22 -20.13 -4.02 15.32
CA GLU A 22 -21.20 -3.26 14.68
C GLU A 22 -20.94 -1.77 14.87
N GLY A 23 -21.35 -0.99 13.89
CA GLY A 23 -21.17 0.45 13.95
C GLY A 23 -22.36 1.12 13.33
N TYR A 24 -22.50 2.41 13.56
CA TYR A 24 -23.64 3.14 13.03
C TYR A 24 -23.27 4.53 12.53
N ILE A 25 -23.91 4.96 11.45
CA ILE A 25 -23.69 6.30 10.93
C ILE A 25 -25.04 7.00 10.77
N LYS A 26 -25.19 8.13 11.45
CA LYS A 26 -26.41 8.93 11.40
C LYS A 26 -26.46 9.71 10.08
N LEU A 27 -27.52 9.51 9.31
CA LEU A 27 -27.71 10.18 8.04
C LEU A 27 -29.10 10.82 7.93
N ARG A 28 -29.22 11.85 7.10
CA ARG A 28 -30.50 12.53 6.93
C ARG A 28 -31.49 11.55 6.29
N LYS A 29 -32.78 11.81 6.48
CA LYS A 29 -33.82 10.96 5.91
C LYS A 29 -33.76 11.01 4.38
N GLU A 30 -33.57 12.21 3.83
CA GLU A 30 -33.49 12.37 2.38
C GLU A 30 -32.27 11.63 1.83
N THR A 31 -31.22 11.51 2.64
CA THR A 31 -30.04 10.79 2.22
C THR A 31 -30.44 9.32 2.17
N ILE A 32 -31.00 8.85 3.29
CA ILE A 32 -31.46 7.48 3.42
C ILE A 32 -32.33 7.11 2.22
N GLU A 33 -33.18 8.05 1.83
CA GLU A 33 -34.09 7.88 0.71
C GLU A 33 -33.31 7.72 -0.62
N LYS A 34 -32.22 8.48 -0.76
CA LYS A 34 -31.41 8.41 -1.97
C LYS A 34 -30.71 7.05 -2.09
N ILE A 35 -30.22 6.55 -0.96
CA ILE A 35 -29.53 5.27 -0.90
C ILE A 35 -30.47 4.13 -1.29
N LYS A 36 -31.70 4.17 -0.77
CA LYS A 36 -32.67 3.12 -1.08
C LYS A 36 -33.02 3.06 -2.56
N ASN A 37 -33.35 4.21 -3.13
CA ASN A 37 -33.74 4.25 -4.54
C ASN A 37 -32.55 4.16 -5.49
N LYS A 38 -31.37 3.85 -4.95
CA LYS A 38 -30.17 3.75 -5.76
C LYS A 38 -30.00 5.01 -6.60
N GLU A 39 -30.16 6.16 -5.99
CA GLU A 39 -30.02 7.42 -6.70
C GLU A 39 -28.86 8.28 -6.22
N VAL A 40 -27.88 7.65 -5.58
CA VAL A 40 -26.70 8.36 -5.09
C VAL A 40 -25.72 8.47 -6.25
N GLU A 41 -25.36 9.71 -6.57
CA GLU A 41 -24.43 10.02 -7.66
C GLU A 41 -23.17 9.17 -7.74
N LYS A 42 -22.37 9.19 -6.68
CA LYS A 42 -21.11 8.46 -6.68
C LYS A 42 -21.23 6.94 -6.80
N GLY A 43 -22.46 6.42 -6.78
CA GLY A 43 -22.62 4.98 -6.93
C GLY A 43 -23.46 4.22 -5.92
N ASP A 44 -23.34 2.91 -5.95
CA ASP A 44 -24.08 2.03 -5.06
C ASP A 44 -23.45 2.10 -3.67
N VAL A 45 -24.00 2.91 -2.79
CA VAL A 45 -23.48 3.07 -1.43
C VAL A 45 -23.21 1.77 -0.68
N ILE A 46 -24.22 0.91 -0.55
CA ILE A 46 -24.05 -0.36 0.17
C ILE A 46 -22.93 -1.25 -0.36
N THR A 47 -22.92 -1.53 -1.66
CA THR A 47 -21.88 -2.39 -2.20
C THR A 47 -20.48 -1.78 -2.14
N VAL A 48 -20.36 -0.51 -2.53
CA VAL A 48 -19.05 0.16 -2.50
C VAL A 48 -18.53 0.12 -1.06
N ALA A 49 -19.38 0.46 -0.11
CA ALA A 49 -19.03 0.48 1.30
C ALA A 49 -18.60 -0.90 1.81
N LYS A 50 -19.30 -1.95 1.39
CA LYS A 50 -18.98 -3.31 1.80
C LYS A 50 -17.63 -3.74 1.23
N THR A 51 -17.41 -3.42 -0.04
CA THR A 51 -16.16 -3.74 -0.70
C THR A 51 -15.01 -3.04 0.01
N ALA A 52 -15.18 -1.77 0.36
CA ALA A 52 -14.14 -1.02 1.05
C ALA A 52 -13.85 -1.62 2.42
N GLY A 53 -14.91 -2.04 3.10
CA GLY A 53 -14.77 -2.63 4.43
C GLY A 53 -14.06 -3.97 4.40
N ILE A 54 -14.31 -4.75 3.35
CA ILE A 54 -13.69 -6.05 3.21
C ILE A 54 -12.20 -5.85 2.96
N LEU A 55 -11.87 -4.93 2.07
CA LEU A 55 -10.48 -4.63 1.75
C LEU A 55 -9.77 -4.08 2.99
N ALA A 56 -10.45 -3.19 3.71
CA ALA A 56 -9.86 -2.59 4.90
C ALA A 56 -9.45 -3.66 5.92
N ALA A 57 -10.24 -4.71 6.03
CA ALA A 57 -9.92 -5.80 6.96
C ALA A 57 -8.50 -6.31 6.69
N LYS A 58 -8.17 -6.50 5.41
CA LYS A 58 -6.85 -6.97 5.03
C LYS A 58 -5.79 -5.89 5.23
N LYS A 59 -6.21 -4.64 5.20
CA LYS A 59 -5.31 -3.50 5.35
C LYS A 59 -4.97 -3.20 6.81
N THR A 60 -5.75 -3.76 7.73
CA THR A 60 -5.53 -3.54 9.16
C THR A 60 -4.08 -3.48 9.63
N PRO A 61 -3.26 -4.52 9.34
CA PRO A 61 -1.86 -4.49 9.78
C PRO A 61 -1.05 -3.31 9.24
N GLU A 62 -1.45 -2.80 8.08
CA GLU A 62 -0.76 -1.68 7.44
C GLU A 62 -1.15 -0.35 8.10
N LEU A 63 -2.34 -0.30 8.69
CA LEU A 63 -2.87 0.90 9.32
C LEU A 63 -2.62 1.01 10.82
N ILE A 64 -2.64 -0.12 11.51
CA ILE A 64 -2.42 -0.14 12.95
C ILE A 64 -1.03 -0.69 13.26
N PRO A 65 -0.11 0.19 13.69
CA PRO A 65 1.27 -0.11 14.02
C PRO A 65 1.61 -1.43 14.70
N MET A 66 0.94 -1.73 15.81
CA MET A 66 1.26 -2.96 16.52
C MET A 66 0.41 -4.19 16.17
N CYS A 67 -0.26 -4.18 15.02
CA CYS A 67 -1.05 -5.34 14.61
C CYS A 67 -0.23 -6.32 13.79
N HIS A 68 -0.46 -7.60 14.01
CA HIS A 68 0.25 -8.65 13.28
C HIS A 68 -0.45 -8.92 11.96
N PRO A 69 0.30 -9.34 10.95
CA PRO A 69 -0.36 -9.64 9.67
C PRO A 69 -1.07 -10.98 9.95
N ILE A 70 -2.26 -11.17 9.40
CA ILE A 70 -2.98 -12.41 9.68
C ILE A 70 -3.65 -13.09 8.50
N PRO A 71 -3.49 -14.42 8.41
CA PRO A 71 -4.08 -15.20 7.32
C PRO A 71 -5.59 -15.31 7.52
N LEU A 72 -6.32 -14.26 7.15
CA LEU A 72 -7.76 -14.25 7.31
C LEU A 72 -8.44 -15.33 6.45
N GLU A 73 -9.41 -16.02 7.02
CA GLU A 73 -10.13 -17.07 6.32
C GLU A 73 -11.54 -16.68 5.92
N PHE A 74 -12.08 -15.68 6.60
CA PHE A 74 -13.43 -15.22 6.34
C PHE A 74 -13.60 -13.75 6.75
N VAL A 75 -14.28 -12.99 5.91
CA VAL A 75 -14.53 -11.59 6.19
C VAL A 75 -15.86 -11.21 5.57
N ASP A 76 -16.77 -10.70 6.39
CA ASP A 76 -18.08 -10.30 5.88
C ASP A 76 -18.50 -8.95 6.46
N VAL A 77 -19.03 -8.08 5.62
CA VAL A 77 -19.49 -6.79 6.09
C VAL A 77 -20.95 -6.64 5.67
N GLU A 78 -21.82 -6.61 6.66
CA GLU A 78 -23.25 -6.47 6.42
C GLU A 78 -23.64 -5.02 6.67
N ILE A 79 -24.47 -4.46 5.80
CA ILE A 79 -24.92 -3.09 5.94
C ILE A 79 -26.43 -3.02 5.85
N LYS A 80 -27.09 -2.66 6.94
CA LYS A 80 -28.54 -2.57 6.97
C LYS A 80 -29.05 -1.14 7.03
N ILE A 81 -30.03 -0.84 6.19
CA ILE A 81 -30.62 0.49 6.11
C ILE A 81 -31.73 0.69 7.13
N GLU A 82 -31.60 1.75 7.93
CA GLU A 82 -32.61 2.09 8.93
C GLU A 82 -33.11 3.49 8.56
N GLU A 83 -34.25 3.89 9.10
CA GLU A 83 -34.79 5.20 8.76
C GLU A 83 -33.93 6.40 9.15
N GLU A 84 -33.16 6.27 10.22
CA GLU A 84 -32.32 7.38 10.66
C GLU A 84 -30.82 7.17 10.39
N GLY A 85 -30.48 6.10 9.67
CA GLY A 85 -29.09 5.83 9.36
C GLY A 85 -28.75 4.41 8.92
N LEU A 86 -27.47 4.16 8.69
CA LEU A 86 -27.02 2.83 8.27
C LEU A 86 -26.28 2.10 9.38
N ARG A 87 -26.57 0.81 9.50
CA ARG A 87 -25.97 -0.06 10.51
C ARG A 87 -24.96 -1.01 9.84
N VAL A 88 -23.73 -1.02 10.32
CA VAL A 88 -22.69 -1.90 9.77
C VAL A 88 -22.24 -2.95 10.79
N ILE A 89 -22.27 -4.21 10.39
CA ILE A 89 -21.86 -5.32 11.25
C ILE A 89 -20.86 -6.20 10.49
N SER A 90 -19.59 -6.13 10.90
CA SER A 90 -18.52 -6.89 10.25
C SER A 90 -18.09 -8.13 11.03
N THR A 91 -17.91 -9.24 10.31
CA THR A 91 -17.48 -10.50 10.90
C THR A 91 -16.19 -10.99 10.25
N VAL A 92 -15.20 -11.28 11.08
CA VAL A 92 -13.90 -11.75 10.63
C VAL A 92 -13.60 -13.06 11.33
N LYS A 93 -12.94 -14.00 10.64
CA LYS A 93 -12.58 -15.30 11.21
C LYS A 93 -11.19 -15.68 10.78
N ALA A 94 -10.50 -16.43 11.63
CA ALA A 94 -9.15 -16.90 11.33
C ALA A 94 -8.70 -17.91 12.37
N HIS A 95 -7.88 -18.87 11.95
CA HIS A 95 -7.32 -19.84 12.88
C HIS A 95 -5.87 -19.43 12.97
N TYR A 96 -5.52 -18.69 14.02
CA TYR A 96 -4.15 -18.23 14.14
C TYR A 96 -3.74 -17.99 15.59
N LYS A 97 -2.54 -17.45 15.77
CA LYS A 97 -2.02 -17.20 17.10
C LYS A 97 -2.44 -15.87 17.70
N THR A 98 -3.29 -15.12 16.99
CA THR A 98 -3.76 -13.85 17.52
C THR A 98 -5.17 -13.51 17.00
N GLY A 99 -6.05 -13.15 17.94
CA GLY A 99 -7.44 -12.83 17.62
C GLY A 99 -7.63 -11.87 16.47
N VAL A 100 -8.89 -11.60 16.13
CA VAL A 100 -9.17 -10.71 15.01
C VAL A 100 -10.17 -9.55 15.28
N GLU A 101 -10.20 -9.03 16.50
CA GLU A 101 -11.12 -7.91 16.79
C GLU A 101 -10.74 -6.67 15.97
N MET A 102 -9.45 -6.35 15.94
CA MET A 102 -8.98 -5.19 15.22
C MET A 102 -9.35 -5.21 13.74
N GLU A 103 -9.32 -6.40 13.13
CA GLU A 103 -9.67 -6.51 11.73
C GLU A 103 -11.14 -6.16 11.56
N ALA A 104 -11.98 -6.68 12.45
CA ALA A 104 -13.42 -6.40 12.37
C ALA A 104 -13.74 -4.93 12.66
N LEU A 105 -12.96 -4.30 13.54
CA LEU A 105 -13.17 -2.90 13.89
C LEU A 105 -12.75 -1.99 12.75
N THR A 106 -11.66 -2.34 12.09
CA THR A 106 -11.15 -1.56 10.98
C THR A 106 -12.09 -1.67 9.78
N ALA A 107 -12.58 -2.88 9.55
CA ALA A 107 -13.50 -3.13 8.45
C ALA A 107 -14.75 -2.28 8.61
N THR A 108 -15.30 -2.29 9.81
CA THR A 108 -16.50 -1.52 10.10
C THR A 108 -16.27 -0.02 10.01
N SER A 109 -15.16 0.46 10.56
CA SER A 109 -14.84 1.88 10.50
C SER A 109 -14.73 2.37 9.07
N VAL A 110 -14.01 1.61 8.24
CA VAL A 110 -13.81 2.02 6.85
C VAL A 110 -15.11 1.92 6.05
N ALA A 111 -15.99 1.01 6.43
CA ALA A 111 -17.25 0.88 5.71
C ALA A 111 -18.06 2.14 6.00
N LEU A 112 -18.07 2.54 7.28
CA LEU A 112 -18.79 3.73 7.72
C LEU A 112 -18.25 4.99 7.06
N LEU A 113 -16.92 5.07 6.93
CA LEU A 113 -16.28 6.21 6.29
C LEU A 113 -16.67 6.29 4.83
N THR A 114 -16.75 5.13 4.19
CA THR A 114 -17.10 5.07 2.77
C THR A 114 -18.54 5.53 2.53
N ILE A 115 -19.47 5.12 3.40
CA ILE A 115 -20.86 5.53 3.26
C ILE A 115 -20.89 7.06 3.29
N TRP A 116 -20.20 7.63 4.27
CA TRP A 116 -20.12 9.09 4.44
C TRP A 116 -19.60 9.75 3.16
N ASP A 117 -18.49 9.24 2.64
CA ASP A 117 -17.90 9.76 1.42
C ASP A 117 -18.86 9.73 0.23
N MET A 118 -19.67 8.67 0.16
CA MET A 118 -20.62 8.49 -0.93
C MET A 118 -21.79 9.49 -0.92
N VAL A 119 -22.26 9.86 0.26
CA VAL A 119 -23.39 10.76 0.39
C VAL A 119 -23.06 12.14 0.97
N LYS A 120 -21.80 12.53 0.80
CA LYS A 120 -21.31 13.81 1.30
C LYS A 120 -22.14 15.02 0.84
N LYS A 121 -22.45 15.09 -0.44
CA LYS A 121 -23.21 16.23 -0.94
C LYS A 121 -24.67 16.29 -0.49
N TYR A 122 -25.23 15.17 -0.05
CA TYR A 122 -26.60 15.17 0.43
C TYR A 122 -26.63 15.40 1.93
N GLU A 123 -25.48 15.23 2.57
CA GLU A 123 -25.38 15.42 4.02
C GLU A 123 -24.99 16.85 4.38
N LYS A 124 -24.25 17.50 3.49
CA LYS A 124 -23.79 18.87 3.71
C LYS A 124 -24.92 19.88 3.82
N ASP A 125 -24.75 20.88 4.68
CA ASP A 125 -25.77 21.91 4.81
C ASP A 125 -25.36 23.06 3.91
N GLU A 126 -26.22 24.07 3.79
CA GLU A 126 -25.95 25.22 2.92
C GLU A 126 -24.63 25.92 3.19
N ASN A 127 -24.01 25.64 4.34
CA ASN A 127 -22.73 26.24 4.67
C ASN A 127 -21.58 25.25 4.43
N GLY A 128 -21.92 24.08 3.90
CA GLY A 128 -20.92 23.07 3.61
C GLY A 128 -20.48 22.26 4.82
N GLN A 129 -21.23 22.39 5.91
CA GLN A 129 -20.89 21.67 7.13
C GLN A 129 -21.74 20.43 7.31
N TYR A 130 -21.46 19.66 8.37
CA TYR A 130 -22.18 18.43 8.65
C TYR A 130 -22.76 18.45 10.05
N PRO A 131 -23.89 19.14 10.24
CA PRO A 131 -24.53 19.23 11.54
C PRO A 131 -25.32 17.98 11.93
N TYR A 132 -25.60 17.11 10.97
CA TYR A 132 -26.36 15.89 11.26
C TYR A 132 -25.57 14.60 11.06
N THR A 133 -24.58 14.63 10.17
CA THR A 133 -23.82 13.41 9.90
C THR A 133 -22.87 13.06 11.05
N GLU A 134 -22.96 11.81 11.50
CA GLU A 134 -22.14 11.35 12.61
C GLU A 134 -21.98 9.83 12.72
N ILE A 135 -20.74 9.38 12.93
CA ILE A 135 -20.46 7.97 13.11
C ILE A 135 -20.62 7.82 14.61
N LYS A 136 -21.67 7.13 15.03
CA LYS A 136 -22.00 6.98 16.45
C LYS A 136 -21.25 6.05 17.37
N SER A 137 -21.32 4.74 17.14
CA SER A 137 -20.66 3.84 18.07
C SER A 137 -20.20 2.48 17.56
N ILE A 138 -18.91 2.40 17.25
CA ILE A 138 -18.31 1.16 16.80
C ILE A 138 -18.00 0.36 18.06
N ARG A 139 -18.38 -0.92 18.07
CA ARG A 139 -18.17 -1.77 19.24
C ARG A 139 -18.01 -3.24 18.85
N VAL A 140 -17.24 -3.97 19.67
CA VAL A 140 -17.07 -5.40 19.45
C VAL A 140 -18.26 -5.98 20.20
N ILE A 141 -19.25 -6.51 19.48
CA ILE A 141 -20.42 -7.06 20.14
C ILE A 141 -20.23 -8.52 20.56
N ASN A 142 -19.26 -9.20 19.96
CA ASN A 142 -18.98 -10.58 20.34
C ASN A 142 -17.77 -11.14 19.61
N LYS A 143 -17.12 -12.11 20.25
CA LYS A 143 -15.95 -12.74 19.67
C LYS A 143 -15.59 -14.00 20.45
N ILE A 144 -15.24 -15.05 19.71
CA ILE A 144 -14.85 -16.32 20.31
C ILE A 144 -13.87 -16.08 21.45
N LYS A 145 -14.00 -16.88 22.50
CA LYS A 145 -13.11 -16.75 23.66
C LYS A 145 -11.83 -17.56 23.46
N THR A 146 -10.72 -16.98 23.87
CA THR A 146 -9.40 -17.61 23.75
C THR A 146 -8.68 -17.69 25.10
N ALA B 4 14.78 -12.59 -12.39
CA ALA B 4 13.72 -12.07 -11.48
C ALA B 4 12.83 -13.22 -11.02
N LYS B 5 12.91 -13.56 -9.73
CA LYS B 5 12.11 -14.66 -9.21
C LYS B 5 12.10 -14.86 -7.68
N ILE B 6 10.94 -15.24 -7.15
CA ILE B 6 10.79 -15.52 -5.72
C ILE B 6 11.02 -17.02 -5.58
N VAL B 7 12.22 -17.40 -5.14
CA VAL B 7 12.61 -18.80 -4.99
C VAL B 7 11.65 -19.67 -4.19
N ASP B 8 11.48 -20.90 -4.65
CA ASP B 8 10.56 -21.85 -4.01
C ASP B 8 11.08 -22.29 -2.64
N ILE B 9 10.24 -22.16 -1.62
CA ILE B 9 10.62 -22.55 -0.26
C ILE B 9 9.71 -23.61 0.34
N SER B 10 8.85 -24.22 -0.47
CA SER B 10 7.92 -25.23 0.00
C SER B 10 8.55 -26.44 0.69
N SER B 11 9.74 -26.86 0.25
CA SER B 11 10.38 -28.01 0.86
C SER B 11 11.35 -27.69 1.99
N LYS B 12 11.35 -26.44 2.45
CA LYS B 12 12.24 -26.06 3.54
C LYS B 12 11.57 -26.32 4.89
N ASP B 13 12.36 -26.36 5.96
CA ASP B 13 11.80 -26.62 7.28
C ASP B 13 11.21 -25.39 7.95
N ILE B 14 10.12 -25.62 8.68
CA ILE B 14 9.47 -24.55 9.42
C ILE B 14 10.22 -24.54 10.75
N VAL B 15 10.71 -23.39 11.15
CA VAL B 15 11.46 -23.29 12.39
C VAL B 15 11.45 -21.86 12.90
N LEU B 16 11.80 -21.70 14.18
CA LEU B 16 11.85 -20.38 14.80
C LEU B 16 12.90 -19.51 14.07
N ARG B 17 12.44 -18.46 13.40
CA ARG B 17 13.33 -17.55 12.66
C ARG B 17 13.48 -16.25 13.43
N GLU B 18 14.72 -15.82 13.61
CA GLU B 18 14.99 -14.57 14.32
C GLU B 18 16.06 -13.80 13.59
N ALA B 19 16.03 -12.49 13.76
CA ALA B 19 17.02 -11.63 13.15
C ALA B 19 17.11 -10.34 13.94
N VAL B 20 18.33 -9.90 14.19
CA VAL B 20 18.56 -8.66 14.92
C VAL B 20 19.45 -7.80 14.04
N VAL B 21 18.99 -6.59 13.76
CA VAL B 21 19.75 -5.67 12.93
C VAL B 21 20.10 -4.40 13.69
N GLU B 22 21.33 -3.95 13.50
CA GLU B 22 21.79 -2.74 14.16
C GLU B 22 22.09 -1.70 13.10
N GLY B 23 21.74 -0.45 13.39
CA GLY B 23 21.97 0.63 12.45
C GLY B 23 22.29 1.89 13.21
N TYR B 24 22.93 2.85 12.54
CA TYR B 24 23.34 4.07 13.20
C TYR B 24 23.25 5.30 12.31
N ILE B 25 22.90 6.43 12.92
CA ILE B 25 22.82 7.68 12.18
C ILE B 25 23.56 8.79 12.94
N LYS B 26 24.54 9.38 12.28
CA LYS B 26 25.34 10.46 12.86
C LYS B 26 24.51 11.74 12.77
N LEU B 27 24.41 12.46 13.88
CA LEU B 27 23.66 13.72 13.95
C LEU B 27 24.51 14.76 14.68
N ARG B 28 24.21 16.04 14.49
CA ARG B 28 24.95 17.09 15.16
C ARG B 28 24.60 17.05 16.65
N LYS B 29 25.56 17.42 17.49
CA LYS B 29 25.34 17.43 18.92
C LYS B 29 24.16 18.34 19.28
N GLU B 30 23.97 19.40 18.50
CA GLU B 30 22.87 20.31 18.76
C GLU B 30 21.54 19.62 18.45
N THR B 31 21.56 18.66 17.52
CA THR B 31 20.36 17.92 17.18
C THR B 31 20.05 16.89 18.26
N ILE B 32 21.08 16.23 18.76
CA ILE B 32 20.92 15.24 19.81
C ILE B 32 20.22 15.90 21.01
N GLU B 33 20.72 17.08 21.38
CA GLU B 33 20.18 17.84 22.51
C GLU B 33 18.68 18.06 22.35
N LYS B 34 18.25 18.51 21.18
CA LYS B 34 16.84 18.74 20.93
C LYS B 34 15.98 17.48 21.03
N ILE B 35 16.57 16.32 20.71
CA ILE B 35 15.83 15.07 20.78
C ILE B 35 15.69 14.66 22.24
N LYS B 36 16.77 14.80 23.00
CA LYS B 36 16.76 14.47 24.42
C LYS B 36 15.74 15.33 25.16
N ASN B 37 15.62 16.59 24.75
CA ASN B 37 14.68 17.50 25.39
C ASN B 37 13.30 17.49 24.77
N LYS B 38 13.12 16.68 23.74
CA LYS B 38 11.83 16.60 23.06
C LYS B 38 11.44 17.99 22.57
N GLU B 39 12.36 18.65 21.89
CA GLU B 39 12.13 19.98 21.37
C GLU B 39 12.18 20.07 19.85
N VAL B 40 11.95 18.96 19.16
CA VAL B 40 11.95 18.99 17.71
C VAL B 40 10.50 19.23 17.27
N GLU B 41 10.33 20.18 16.36
CA GLU B 41 9.02 20.57 15.85
C GLU B 41 8.12 19.42 15.39
N LYS B 42 8.64 18.58 14.50
CA LYS B 42 7.86 17.47 13.97
C LYS B 42 7.34 16.48 15.00
N GLY B 43 7.93 16.43 16.19
CA GLY B 43 7.43 15.50 17.20
C GLY B 43 8.41 14.66 17.98
N ASP B 44 7.90 13.60 18.59
CA ASP B 44 8.68 12.66 19.41
C ASP B 44 9.48 11.72 18.49
N VAL B 45 10.66 12.16 18.09
CA VAL B 45 11.55 11.40 17.20
C VAL B 45 11.64 9.91 17.51
N ILE B 46 12.02 9.56 18.74
CA ILE B 46 12.15 8.16 19.10
C ILE B 46 10.91 7.30 18.88
N THR B 47 9.76 7.74 19.40
CA THR B 47 8.52 6.96 19.25
C THR B 47 8.01 6.92 17.81
N VAL B 48 8.13 8.04 17.09
CA VAL B 48 7.69 8.08 15.70
C VAL B 48 8.59 7.17 14.84
N ALA B 49 9.91 7.21 15.07
CA ALA B 49 10.83 6.37 14.31
C ALA B 49 10.62 4.89 14.60
N LYS B 50 10.35 4.58 15.87
CA LYS B 50 10.10 3.20 16.28
C LYS B 50 8.81 2.70 15.62
N THR B 51 7.76 3.52 15.69
CA THR B 51 6.48 3.18 15.09
C THR B 51 6.64 2.95 13.59
N ALA B 52 7.42 3.82 12.94
CA ALA B 52 7.64 3.69 11.51
C ALA B 52 8.43 2.41 11.19
N GLY B 53 9.43 2.10 12.02
CA GLY B 53 10.23 0.91 11.82
C GLY B 53 9.41 -0.36 11.92
N ILE B 54 8.53 -0.40 12.91
CA ILE B 54 7.68 -1.57 13.09
C ILE B 54 6.76 -1.76 11.88
N LEU B 55 6.19 -0.66 11.38
CA LEU B 55 5.30 -0.75 10.22
C LEU B 55 6.10 -1.20 9.00
N ALA B 56 7.30 -0.66 8.88
CA ALA B 56 8.21 -0.97 7.78
C ALA B 56 8.51 -2.48 7.72
N ALA B 57 8.69 -3.10 8.88
CA ALA B 57 8.98 -4.54 8.94
C ALA B 57 7.88 -5.32 8.20
N LYS B 58 6.64 -4.88 8.36
CA LYS B 58 5.52 -5.53 7.71
C LYS B 58 5.44 -5.22 6.22
N LYS B 59 6.02 -4.09 5.80
CA LYS B 59 6.00 -3.70 4.40
C LYS B 59 7.15 -4.27 3.57
N THR B 60 8.09 -4.94 4.21
CA THR B 60 9.23 -5.52 3.50
C THR B 60 8.86 -6.23 2.20
N PRO B 61 7.92 -7.19 2.24
CA PRO B 61 7.57 -7.87 0.98
C PRO B 61 7.04 -6.97 -0.14
N GLU B 62 6.50 -5.83 0.24
CA GLU B 62 5.95 -4.88 -0.73
C GLU B 62 7.07 -4.03 -1.35
N LEU B 63 8.16 -3.84 -0.61
CA LEU B 63 9.30 -3.04 -1.06
C LEU B 63 10.43 -3.84 -1.73
N ILE B 64 10.68 -5.05 -1.25
CA ILE B 64 11.73 -5.88 -1.81
C ILE B 64 11.07 -6.88 -2.78
N PRO B 65 11.29 -6.67 -4.08
CA PRO B 65 10.72 -7.53 -5.13
C PRO B 65 10.69 -9.03 -4.89
N MET B 66 11.86 -9.63 -4.66
CA MET B 66 11.92 -11.08 -4.48
C MET B 66 11.73 -11.61 -3.07
N CYS B 67 11.12 -10.81 -2.19
CA CYS B 67 10.86 -11.23 -0.82
C CYS B 67 9.55 -11.98 -0.69
N HIS B 68 9.53 -12.98 0.18
CA HIS B 68 8.34 -13.77 0.43
C HIS B 68 7.48 -13.10 1.49
N PRO B 69 6.17 -13.25 1.39
CA PRO B 69 5.32 -12.63 2.41
C PRO B 69 5.43 -13.56 3.63
N ILE B 70 5.89 -13.03 4.76
CA ILE B 70 6.05 -13.85 5.96
C ILE B 70 5.17 -13.40 7.13
N PRO B 71 4.51 -14.36 7.79
CA PRO B 71 3.65 -14.05 8.94
C PRO B 71 4.47 -13.77 10.20
N LEU B 72 4.87 -12.51 10.37
CA LEU B 72 5.68 -12.12 11.53
C LEU B 72 4.95 -12.36 12.85
N GLU B 73 5.71 -12.72 13.87
CA GLU B 73 5.15 -12.98 15.18
C GLU B 73 5.64 -11.99 16.22
N PHE B 74 6.72 -11.29 15.89
CA PHE B 74 7.29 -10.33 16.81
C PHE B 74 8.14 -9.32 16.08
N VAL B 75 8.01 -8.06 16.48
CA VAL B 75 8.80 -6.99 15.90
C VAL B 75 9.04 -5.96 16.98
N ASP B 76 10.31 -5.61 17.20
CA ASP B 76 10.63 -4.62 18.20
C ASP B 76 11.73 -3.74 17.66
N VAL B 77 11.63 -2.44 17.92
CA VAL B 77 12.62 -1.50 17.48
C VAL B 77 13.11 -0.65 18.64
N GLU B 78 14.36 -0.85 19.01
CA GLU B 78 14.97 -0.10 20.10
C GLU B 78 15.80 1.00 19.47
N ILE B 79 15.73 2.19 20.05
CA ILE B 79 16.48 3.32 19.55
C ILE B 79 17.20 3.94 20.74
N LYS B 80 18.53 3.95 20.69
CA LYS B 80 19.32 4.51 21.77
C LYS B 80 19.96 5.83 21.38
N ILE B 81 19.95 6.78 22.30
CA ILE B 81 20.55 8.08 22.05
C ILE B 81 21.99 8.04 22.52
N GLU B 82 22.91 8.32 21.63
CA GLU B 82 24.32 8.35 21.98
C GLU B 82 24.79 9.78 21.77
N GLU B 83 25.99 10.11 22.25
CA GLU B 83 26.50 11.47 22.13
C GLU B 83 26.71 12.00 20.72
N GLU B 84 26.96 11.12 19.76
CA GLU B 84 27.20 11.57 18.40
C GLU B 84 26.13 11.12 17.41
N GLY B 85 25.08 10.49 17.92
CA GLY B 85 24.02 10.01 17.05
C GLY B 85 23.06 9.08 17.74
N LEU B 86 22.25 8.38 16.95
CA LEU B 86 21.28 7.43 17.47
C LEU B 86 21.53 6.05 16.89
N ARG B 87 21.44 5.04 17.76
CA ARG B 87 21.64 3.65 17.36
C ARG B 87 20.28 2.98 17.31
N VAL B 88 20.06 2.18 16.28
CA VAL B 88 18.79 1.48 16.11
C VAL B 88 18.99 -0.02 16.09
N ILE B 89 18.21 -0.74 16.89
CA ILE B 89 18.30 -2.20 16.91
C ILE B 89 16.90 -2.79 16.76
N SER B 90 16.72 -3.55 15.69
CA SER B 90 15.44 -4.15 15.41
C SER B 90 15.49 -5.66 15.51
N THR B 91 14.45 -6.22 16.11
CA THR B 91 14.37 -7.66 16.30
C THR B 91 13.06 -8.17 15.71
N VAL B 92 13.17 -9.15 14.83
CA VAL B 92 12.02 -9.77 14.21
C VAL B 92 12.05 -11.27 14.46
N LYS B 93 10.88 -11.88 14.64
CA LYS B 93 10.81 -13.32 14.85
C LYS B 93 9.56 -13.87 14.18
N ALA B 94 9.68 -15.10 13.71
CA ALA B 94 8.57 -15.80 13.06
C ALA B 94 8.89 -17.30 13.07
N HIS B 95 7.93 -18.11 12.68
CA HIS B 95 8.12 -19.56 12.56
C HIS B 95 7.72 -19.82 11.11
N TYR B 96 8.72 -19.87 10.24
CA TYR B 96 8.44 -20.04 8.82
C TYR B 96 9.55 -20.79 8.08
N LYS B 97 9.35 -20.97 6.78
CA LYS B 97 10.31 -21.67 5.94
C LYS B 97 11.45 -20.79 5.43
N THR B 98 11.52 -19.55 5.90
CA THR B 98 12.61 -18.66 5.47
C THR B 98 12.85 -17.52 6.47
N GLY B 99 14.13 -17.22 6.69
CA GLY B 99 14.54 -16.19 7.64
C GLY B 99 13.86 -14.83 7.55
N VAL B 100 14.15 -13.97 8.53
CA VAL B 100 13.56 -12.64 8.57
C VAL B 100 14.57 -11.50 8.62
N GLU B 101 15.77 -11.73 8.10
CA GLU B 101 16.81 -10.71 8.09
C GLU B 101 16.33 -9.48 7.33
N MET B 102 15.65 -9.70 6.21
CA MET B 102 15.18 -8.58 5.41
C MET B 102 14.14 -7.73 6.15
N GLU B 103 13.32 -8.34 6.99
CA GLU B 103 12.34 -7.57 7.76
C GLU B 103 13.06 -6.72 8.80
N ALA B 104 14.03 -7.33 9.47
CA ALA B 104 14.81 -6.63 10.50
C ALA B 104 15.65 -5.52 9.90
N LEU B 105 16.15 -5.75 8.68
CA LEU B 105 16.99 -4.77 7.99
C LEU B 105 16.15 -3.57 7.52
N THR B 106 14.99 -3.87 6.99
CA THR B 106 14.07 -2.85 6.50
C THR B 106 13.55 -1.98 7.64
N ALA B 107 13.20 -2.61 8.76
CA ALA B 107 12.70 -1.90 9.94
C ALA B 107 13.74 -0.89 10.39
N THR B 108 14.98 -1.34 10.49
CA THR B 108 16.07 -0.48 10.91
C THR B 108 16.33 0.67 9.94
N SER B 109 16.28 0.38 8.64
CA SER B 109 16.51 1.44 7.66
C SER B 109 15.44 2.51 7.68
N VAL B 110 14.19 2.10 7.71
CA VAL B 110 13.09 3.07 7.72
C VAL B 110 13.08 3.88 9.04
N ALA B 111 13.50 3.27 10.15
CA ALA B 111 13.55 3.98 11.43
C ALA B 111 14.66 5.04 11.37
N LEU B 112 15.75 4.69 10.69
CA LEU B 112 16.88 5.60 10.52
C LEU B 112 16.45 6.76 9.61
N LEU B 113 15.71 6.43 8.55
CA LEU B 113 15.23 7.45 7.62
C LEU B 113 14.25 8.39 8.29
N THR B 114 13.40 7.86 9.16
CA THR B 114 12.41 8.65 9.87
C THR B 114 13.10 9.60 10.82
N ILE B 115 14.17 9.14 11.45
CA ILE B 115 14.91 10.00 12.35
C ILE B 115 15.43 11.16 11.53
N TRP B 116 16.07 10.86 10.39
CA TRP B 116 16.62 11.86 9.51
C TRP B 116 15.53 12.88 9.14
N ASP B 117 14.36 12.38 8.74
CA ASP B 117 13.26 13.26 8.38
C ASP B 117 12.85 14.20 9.52
N MET B 118 12.67 13.63 10.73
CA MET B 118 12.26 14.42 11.90
C MET B 118 13.15 15.61 12.22
N VAL B 119 14.47 15.46 12.03
CA VAL B 119 15.41 16.52 12.34
C VAL B 119 16.11 17.21 11.16
N LYS B 120 15.53 17.08 9.97
CA LYS B 120 16.06 17.69 8.76
C LYS B 120 16.54 19.14 8.90
N LYS B 121 15.68 20.03 9.37
CA LYS B 121 16.04 21.44 9.50
C LYS B 121 17.26 21.70 10.39
N TYR B 122 17.41 20.90 11.45
CA TYR B 122 18.52 21.07 12.38
C TYR B 122 19.87 20.58 11.86
N GLU B 123 19.85 19.65 10.91
CA GLU B 123 21.08 19.10 10.35
C GLU B 123 21.69 19.84 9.17
N LYS B 124 20.86 20.56 8.42
CA LYS B 124 21.36 21.29 7.25
C LYS B 124 22.32 22.42 7.58
N ASP B 125 23.36 22.56 6.77
CA ASP B 125 24.34 23.62 6.96
C ASP B 125 23.83 24.87 6.26
N GLU B 126 24.69 25.89 6.15
CA GLU B 126 24.30 27.16 5.53
C GLU B 126 24.05 27.11 4.03
N ASN B 127 24.43 26.01 3.37
CA ASN B 127 24.21 25.90 1.92
C ASN B 127 23.05 24.96 1.63
N GLY B 128 22.34 24.55 2.68
CA GLY B 128 21.23 23.63 2.51
C GLY B 128 21.69 22.18 2.34
N GLN B 129 22.96 21.92 2.61
CA GLN B 129 23.52 20.59 2.48
C GLN B 129 23.50 19.80 3.81
N TYR B 130 23.84 18.52 3.75
CA TYR B 130 23.89 17.66 4.93
C TYR B 130 25.28 17.05 5.00
N PRO B 131 26.31 17.87 5.27
CA PRO B 131 27.69 17.39 5.35
C PRO B 131 27.96 16.59 6.61
N TYR B 132 27.11 16.71 7.62
CA TYR B 132 27.33 16.00 8.87
C TYR B 132 26.51 14.72 8.97
N THR B 133 25.25 14.81 8.59
CA THR B 133 24.31 13.70 8.67
C THR B 133 24.69 12.49 7.84
N GLU B 134 24.54 11.30 8.43
CA GLU B 134 24.91 10.09 7.73
C GLU B 134 24.38 8.82 8.37
N ILE B 135 23.76 7.97 7.56
CA ILE B 135 23.28 6.70 8.03
C ILE B 135 24.46 5.75 7.82
N LYS B 136 24.89 5.05 8.85
CA LYS B 136 26.01 4.17 8.65
C LYS B 136 25.94 2.81 9.32
N SER B 137 26.55 1.85 8.65
CA SER B 137 26.66 0.46 9.10
C SER B 137 25.41 -0.24 9.61
N ILE B 138 24.51 -0.57 8.69
CA ILE B 138 23.31 -1.30 9.03
C ILE B 138 23.77 -2.73 8.80
N ARG B 139 23.71 -3.57 9.83
CA ARG B 139 24.15 -4.94 9.68
C ARG B 139 23.40 -5.90 10.59
N VAL B 140 23.43 -7.17 10.20
CA VAL B 140 22.78 -8.22 10.97
C VAL B 140 23.79 -8.65 12.02
N ILE B 141 23.40 -8.60 13.29
CA ILE B 141 24.32 -9.00 14.34
C ILE B 141 24.08 -10.41 14.88
N ASN B 142 25.04 -10.89 15.65
CA ASN B 142 25.06 -12.24 16.27
C ASN B 142 25.68 -13.26 15.33
N GLU C 3 -23.77 -6.24 -2.11
CA GLU C 3 -23.36 -7.64 -1.79
C GLU C 3 -21.84 -7.79 -1.93
N ALA C 4 -21.22 -8.43 -0.94
CA ALA C 4 -19.77 -8.62 -0.96
C ALA C 4 -19.33 -9.56 0.16
N LYS C 5 -18.32 -10.40 -0.12
CA LYS C 5 -17.81 -11.34 0.89
C LYS C 5 -16.59 -12.18 0.49
N ILE C 6 -15.73 -12.45 1.48
CA ILE C 6 -14.55 -13.29 1.30
C ILE C 6 -14.95 -14.64 1.91
N VAL C 7 -15.26 -15.60 1.05
CA VAL C 7 -15.70 -16.93 1.45
C VAL C 7 -14.84 -17.64 2.48
N ASP C 8 -15.51 -18.34 3.39
CA ASP C 8 -14.85 -19.10 4.46
C ASP C 8 -14.11 -20.31 3.89
N ILE C 9 -12.81 -20.40 4.15
CA ILE C 9 -12.00 -21.51 3.67
C ILE C 9 -11.40 -22.31 4.83
N SER C 10 -11.90 -22.05 6.04
CA SER C 10 -11.41 -22.75 7.23
C SER C 10 -11.54 -24.26 7.04
N SER C 11 -12.65 -24.66 6.43
CA SER C 11 -12.96 -26.07 6.19
C SER C 11 -12.06 -26.78 5.20
N LYS C 12 -11.68 -26.11 4.12
CA LYS C 12 -10.84 -26.72 3.10
C LYS C 12 -9.47 -27.17 3.59
N ASP C 13 -8.86 -28.10 2.86
CA ASP C 13 -7.57 -28.64 3.25
C ASP C 13 -6.39 -27.92 2.62
N ILE C 14 -5.25 -28.02 3.30
CA ILE C 14 -4.00 -27.42 2.84
C ILE C 14 -3.37 -28.37 1.81
N VAL C 15 -3.41 -27.96 0.55
CA VAL C 15 -2.84 -28.77 -0.52
C VAL C 15 -2.00 -27.91 -1.45
N LEU C 16 -1.14 -28.55 -2.24
CA LEU C 16 -0.30 -27.83 -3.18
C LEU C 16 -1.18 -27.12 -4.19
N ARG C 17 -0.94 -25.82 -4.39
CA ARG C 17 -1.71 -25.03 -5.34
C ARG C 17 -0.75 -24.43 -6.36
N GLU C 18 -1.09 -24.57 -7.64
CA GLU C 18 -0.27 -24.04 -8.72
C GLU C 18 -1.14 -23.50 -9.84
N ALA C 19 -0.60 -22.52 -10.56
CA ALA C 19 -1.31 -21.93 -11.67
C ALA C 19 -0.29 -21.28 -12.59
N VAL C 20 -0.52 -21.43 -13.89
CA VAL C 20 0.36 -20.86 -14.88
C VAL C 20 -0.56 -20.01 -15.75
N VAL C 21 -0.19 -18.75 -15.92
CA VAL C 21 -0.99 -17.84 -16.71
C VAL C 21 -0.18 -17.29 -17.86
N GLU C 22 -0.82 -17.15 -19.02
CA GLU C 22 -0.15 -16.64 -20.19
C GLU C 22 -0.82 -15.37 -20.69
N GLY C 23 -0.03 -14.41 -21.14
CA GLY C 23 -0.55 -13.17 -21.66
C GLY C 23 0.26 -12.66 -22.82
N TYR C 24 -0.36 -11.84 -23.67
CA TYR C 24 0.32 -11.33 -24.85
C TYR C 24 0.04 -9.84 -25.13
N ILE C 25 1.07 -9.09 -25.46
CA ILE C 25 0.90 -7.67 -25.78
C ILE C 25 1.44 -7.39 -27.19
N LYS C 26 0.56 -6.94 -28.07
CA LYS C 26 0.94 -6.64 -29.45
C LYS C 26 1.68 -5.32 -29.54
N LEU C 27 2.90 -5.36 -30.07
CA LEU C 27 3.72 -4.17 -30.21
C LEU C 27 4.21 -3.99 -31.65
N ARG C 28 4.63 -2.77 -31.97
CA ARG C 28 5.15 -2.46 -33.30
C ARG C 28 6.52 -3.10 -33.49
N LYS C 29 6.79 -3.50 -34.72
CA LYS C 29 8.05 -4.14 -35.06
C LYS C 29 9.27 -3.32 -34.66
N GLU C 30 9.19 -2.00 -34.79
CA GLU C 30 10.32 -1.14 -34.42
C GLU C 30 10.48 -1.16 -32.90
N THR C 31 9.37 -1.25 -32.19
CA THR C 31 9.38 -1.28 -30.74
C THR C 31 10.11 -2.54 -30.26
N ILE C 32 9.75 -3.68 -30.83
CA ILE C 32 10.37 -4.94 -30.46
C ILE C 32 11.88 -4.88 -30.66
N GLU C 33 12.30 -4.26 -31.75
CA GLU C 33 13.73 -4.12 -32.04
C GLU C 33 14.41 -3.30 -30.95
N LYS C 34 13.76 -2.19 -30.56
CA LYS C 34 14.30 -1.34 -29.50
C LYS C 34 14.51 -2.15 -28.23
N ILE C 35 13.50 -2.94 -27.86
CA ILE C 35 13.57 -3.77 -26.65
C ILE C 35 14.69 -4.80 -26.77
N LYS C 36 14.70 -5.52 -27.89
CA LYS C 36 15.70 -6.55 -28.14
C LYS C 36 17.13 -5.99 -28.02
N ASN C 37 17.38 -4.86 -28.67
CA ASN C 37 18.70 -4.23 -28.62
C ASN C 37 18.87 -3.38 -27.38
N LYS C 38 17.90 -3.46 -26.47
CA LYS C 38 17.93 -2.70 -25.23
C LYS C 38 18.25 -1.23 -25.46
N GLU C 39 17.39 -0.58 -26.24
CA GLU C 39 17.56 0.84 -26.58
C GLU C 39 16.39 1.68 -26.05
N VAL C 40 15.68 1.16 -25.04
CA VAL C 40 14.57 1.89 -24.45
C VAL C 40 15.09 2.72 -23.28
N GLU C 41 14.99 4.05 -23.40
CA GLU C 41 15.50 4.95 -22.37
C GLU C 41 14.99 4.69 -20.96
N LYS C 42 13.74 4.28 -20.83
CA LYS C 42 13.17 4.01 -19.51
C LYS C 42 13.79 2.84 -18.77
N GLY C 43 14.60 2.03 -19.47
CA GLY C 43 15.23 0.91 -18.81
C GLY C 43 15.10 -0.42 -19.52
N ASP C 44 15.54 -1.48 -18.84
CA ASP C 44 15.47 -2.84 -19.38
C ASP C 44 14.04 -3.33 -19.28
N VAL C 45 13.31 -3.20 -20.38
CA VAL C 45 11.90 -3.59 -20.44
C VAL C 45 11.55 -4.92 -19.80
N ILE C 46 12.14 -6.01 -20.30
CA ILE C 46 11.84 -7.33 -19.78
C ILE C 46 12.05 -7.49 -18.28
N THR C 47 13.19 -7.06 -17.77
CA THR C 47 13.47 -7.21 -16.35
C THR C 47 12.53 -6.37 -15.48
N VAL C 48 12.33 -5.11 -15.88
CA VAL C 48 11.44 -4.22 -15.13
C VAL C 48 10.03 -4.81 -15.08
N ALA C 49 9.56 -5.37 -16.19
CA ALA C 49 8.22 -5.94 -16.21
C ALA C 49 8.13 -7.20 -15.34
N LYS C 50 9.18 -8.01 -15.31
CA LYS C 50 9.19 -9.21 -14.49
C LYS C 50 9.09 -8.82 -13.03
N THR C 51 9.90 -7.84 -12.64
CA THR C 51 9.93 -7.36 -11.26
C THR C 51 8.56 -6.79 -10.88
N ALA C 52 7.93 -6.08 -11.82
CA ALA C 52 6.62 -5.51 -11.56
C ALA C 52 5.60 -6.64 -11.44
N GLY C 53 5.78 -7.68 -12.25
CA GLY C 53 4.86 -8.81 -12.23
C GLY C 53 4.94 -9.61 -10.93
N ILE C 54 6.15 -9.74 -10.40
CA ILE C 54 6.36 -10.48 -9.17
C ILE C 54 5.77 -9.71 -7.98
N LEU C 55 5.98 -8.41 -7.95
CA LEU C 55 5.41 -7.61 -6.88
C LEU C 55 3.88 -7.68 -6.93
N ALA C 56 3.33 -7.58 -8.14
CA ALA C 56 1.89 -7.63 -8.33
C ALA C 56 1.26 -8.88 -7.74
N ALA C 57 1.91 -10.02 -7.95
CA ALA C 57 1.40 -11.27 -7.42
C ALA C 57 1.14 -11.13 -5.93
N LYS C 58 2.08 -10.53 -5.21
CA LYS C 58 1.93 -10.34 -3.78
C LYS C 58 0.87 -9.30 -3.43
N LYS C 59 0.66 -8.33 -4.31
CA LYS C 59 -0.32 -7.27 -4.09
C LYS C 59 -1.76 -7.67 -4.46
N THR C 60 -1.91 -8.85 -5.06
CA THR C 60 -3.21 -9.35 -5.48
C THR C 60 -4.35 -9.12 -4.47
N PRO C 61 -4.17 -9.56 -3.21
CA PRO C 61 -5.27 -9.36 -2.25
C PRO C 61 -5.70 -7.93 -1.95
N GLU C 62 -4.82 -6.95 -2.10
CA GLU C 62 -5.28 -5.59 -1.84
C GLU C 62 -5.91 -4.97 -3.09
N LEU C 63 -5.73 -5.63 -4.23
CA LEU C 63 -6.29 -5.16 -5.51
C LEU C 63 -7.63 -5.83 -5.78
N ILE C 64 -7.72 -7.13 -5.49
CA ILE C 64 -8.94 -7.89 -5.71
C ILE C 64 -9.67 -8.01 -4.37
N PRO C 65 -10.83 -7.35 -4.24
CA PRO C 65 -11.65 -7.35 -3.03
C PRO C 65 -11.86 -8.67 -2.29
N MET C 66 -12.46 -9.64 -2.96
CA MET C 66 -12.75 -10.92 -2.31
C MET C 66 -11.60 -11.92 -2.23
N CYS C 67 -10.39 -11.50 -2.54
CA CYS C 67 -9.25 -12.42 -2.48
C CYS C 67 -8.68 -12.58 -1.08
N HIS C 68 -8.26 -13.80 -0.76
CA HIS C 68 -7.67 -14.08 0.54
C HIS C 68 -6.18 -13.78 0.53
N PRO C 69 -5.63 -13.34 1.67
CA PRO C 69 -4.19 -13.07 1.70
C PRO C 69 -3.56 -14.47 1.76
N ILE C 70 -2.65 -14.78 0.84
CA ILE C 70 -2.04 -16.12 0.78
C ILE C 70 -0.52 -16.16 0.91
N PRO C 71 0.00 -17.14 1.66
CA PRO C 71 1.46 -17.28 1.84
C PRO C 71 2.12 -17.90 0.61
N LEU C 72 2.34 -17.09 -0.41
CA LEU C 72 2.96 -17.55 -1.64
C LEU C 72 4.34 -18.15 -1.39
N GLU C 73 4.61 -19.29 -2.03
CA GLU C 73 5.88 -19.98 -1.88
C GLU C 73 6.79 -19.85 -3.11
N PHE C 74 6.22 -19.53 -4.26
CA PHE C 74 7.00 -19.40 -5.49
C PHE C 74 6.29 -18.52 -6.52
N VAL C 75 7.04 -17.58 -7.07
CA VAL C 75 6.53 -16.67 -8.10
C VAL C 75 7.59 -16.47 -9.16
N ASP C 76 7.21 -16.75 -10.41
CA ASP C 76 8.13 -16.60 -11.52
C ASP C 76 7.39 -15.95 -12.68
N VAL C 77 8.02 -14.98 -13.31
CA VAL C 77 7.42 -14.30 -14.45
C VAL C 77 8.42 -14.36 -15.59
N GLU C 78 8.01 -15.03 -16.66
CA GLU C 78 8.87 -15.17 -17.82
C GLU C 78 8.28 -14.41 -19.00
N ILE C 79 9.16 -13.71 -19.72
CA ILE C 79 8.75 -12.93 -20.87
C ILE C 79 9.57 -13.35 -22.09
N LYS C 80 8.88 -13.66 -23.17
CA LYS C 80 9.54 -14.09 -24.40
C LYS C 80 9.25 -13.09 -25.50
N ILE C 81 10.28 -12.71 -26.25
CA ILE C 81 10.09 -11.76 -27.34
C ILE C 81 9.71 -12.48 -28.62
N GLU C 82 8.60 -12.09 -29.22
CA GLU C 82 8.15 -12.67 -30.46
C GLU C 82 8.22 -11.58 -31.52
N GLU C 83 7.92 -11.91 -32.77
CA GLU C 83 8.00 -10.92 -33.85
C GLU C 83 6.86 -9.90 -33.85
N GLU C 84 5.71 -10.27 -33.30
CA GLU C 84 4.55 -9.39 -33.28
C GLU C 84 4.26 -8.78 -31.91
N GLY C 85 5.06 -9.16 -30.90
CA GLY C 85 4.85 -8.65 -29.56
C GLY C 85 5.61 -9.44 -28.50
N LEU C 86 5.17 -9.33 -27.24
CA LEU C 86 5.80 -10.04 -26.14
C LEU C 86 4.81 -10.94 -25.42
N ARG C 87 5.27 -12.14 -25.06
CA ARG C 87 4.42 -13.10 -24.38
C ARG C 87 4.88 -13.28 -22.94
N VAL C 88 3.94 -13.09 -22.01
CA VAL C 88 4.24 -13.21 -20.59
C VAL C 88 3.63 -14.48 -20.00
N ILE C 89 4.46 -15.23 -19.26
CA ILE C 89 4.02 -16.46 -18.61
C ILE C 89 4.38 -16.39 -17.14
N SER C 90 3.38 -16.39 -16.28
CA SER C 90 3.61 -16.29 -14.84
C SER C 90 3.23 -17.60 -14.16
N THR C 91 4.06 -18.00 -13.20
CA THR C 91 3.88 -19.23 -12.45
C THR C 91 3.89 -18.93 -10.95
N VAL C 92 2.83 -19.37 -10.27
CA VAL C 92 2.69 -19.16 -8.84
C VAL C 92 2.35 -20.48 -8.12
N LYS C 93 2.84 -20.65 -6.90
CA LYS C 93 2.53 -21.84 -6.13
C LYS C 93 2.66 -21.63 -4.62
N ALA C 94 1.85 -22.38 -3.89
CA ALA C 94 1.83 -22.32 -2.42
C ALA C 94 1.05 -23.51 -1.92
N HIS C 95 1.11 -23.75 -0.61
CA HIS C 95 0.36 -24.85 -0.01
C HIS C 95 -0.69 -24.16 0.83
N TYR C 96 -1.89 -23.99 0.29
CA TYR C 96 -2.95 -23.33 1.02
C TYR C 96 -4.30 -23.96 0.72
N LYS C 97 -5.35 -23.47 1.37
CA LYS C 97 -6.68 -24.02 1.17
C LYS C 97 -7.51 -23.27 0.15
N THR C 98 -6.82 -22.58 -0.77
CA THR C 98 -7.47 -21.83 -1.83
C THR C 98 -6.46 -21.52 -2.96
N GLY C 99 -6.78 -21.98 -4.16
CA GLY C 99 -5.92 -21.79 -5.34
C GLY C 99 -5.21 -20.46 -5.52
N VAL C 100 -4.27 -20.41 -6.46
CA VAL C 100 -3.51 -19.19 -6.71
C VAL C 100 -3.58 -18.64 -8.14
N GLU C 101 -4.67 -18.90 -8.86
CA GLU C 101 -4.80 -18.41 -10.23
C GLU C 101 -4.84 -16.88 -10.26
N MET C 102 -5.53 -16.27 -9.30
CA MET C 102 -5.65 -14.81 -9.27
C MET C 102 -4.29 -14.14 -9.16
N GLU C 103 -3.38 -14.74 -8.38
CA GLU C 103 -2.05 -14.18 -8.25
C GLU C 103 -1.35 -14.30 -9.61
N ALA C 104 -1.36 -15.50 -10.19
CA ALA C 104 -0.73 -15.70 -11.50
C ALA C 104 -1.31 -14.73 -12.52
N LEU C 105 -2.63 -14.58 -12.53
CA LEU C 105 -3.33 -13.68 -13.46
C LEU C 105 -2.98 -12.21 -13.20
N THR C 106 -2.80 -11.84 -11.94
CA THR C 106 -2.45 -10.46 -11.59
C THR C 106 -1.00 -10.16 -11.96
N ALA C 107 -0.13 -11.13 -11.73
CA ALA C 107 1.27 -10.97 -12.07
C ALA C 107 1.38 -10.68 -13.56
N THR C 108 0.75 -11.53 -14.35
CA THR C 108 0.80 -11.39 -15.80
C THR C 108 0.24 -10.06 -16.25
N SER C 109 -0.94 -9.69 -15.76
CA SER C 109 -1.58 -8.44 -16.13
C SER C 109 -0.68 -7.24 -15.88
N VAL C 110 -0.10 -7.16 -14.69
CA VAL C 110 0.76 -6.03 -14.37
C VAL C 110 2.03 -6.00 -15.19
N ALA C 111 2.62 -7.17 -15.45
CA ALA C 111 3.83 -7.24 -16.26
C ALA C 111 3.53 -6.74 -17.67
N LEU C 112 2.35 -7.06 -18.18
CA LEU C 112 1.94 -6.60 -19.49
C LEU C 112 1.74 -5.09 -19.47
N LEU C 113 1.11 -4.58 -18.42
CA LEU C 113 0.90 -3.14 -18.28
C LEU C 113 2.23 -2.41 -18.23
N THR C 114 3.17 -2.98 -17.46
CA THR C 114 4.49 -2.41 -17.29
C THR C 114 5.25 -2.35 -18.61
N ILE C 115 5.09 -3.38 -19.42
CA ILE C 115 5.73 -3.41 -20.73
C ILE C 115 5.20 -2.23 -21.54
N TRP C 116 3.88 -2.07 -21.53
CA TRP C 116 3.22 -0.99 -22.25
C TRP C 116 3.77 0.37 -21.80
N ASP C 117 3.86 0.55 -20.48
CA ASP C 117 4.36 1.81 -19.95
C ASP C 117 5.80 2.10 -20.38
N MET C 118 6.61 1.05 -20.48
CA MET C 118 8.01 1.19 -20.85
C MET C 118 8.26 1.62 -22.30
N VAL C 119 7.31 1.34 -23.18
CA VAL C 119 7.49 1.68 -24.59
C VAL C 119 6.41 2.59 -25.18
N LYS C 120 5.76 3.37 -24.31
CA LYS C 120 4.71 4.29 -24.73
C LYS C 120 5.11 5.22 -25.88
N LYS C 121 6.23 5.92 -25.72
CA LYS C 121 6.68 6.86 -26.74
C LYS C 121 6.92 6.23 -28.12
N TYR C 122 7.28 4.94 -28.14
CA TYR C 122 7.53 4.26 -29.41
C TYR C 122 6.26 3.73 -30.06
N GLU C 123 5.23 3.49 -29.25
CA GLU C 123 3.97 2.97 -29.75
C GLU C 123 2.97 4.04 -30.14
N LYS C 124 3.05 5.21 -29.52
CA LYS C 124 2.12 6.30 -29.85
C LYS C 124 2.38 6.90 -31.23
N ASP C 125 1.32 7.26 -31.94
CA ASP C 125 1.48 7.86 -33.24
C ASP C 125 1.47 9.38 -33.11
N GLU C 126 1.49 10.07 -34.24
CA GLU C 126 1.50 11.55 -34.25
C GLU C 126 0.31 12.20 -33.57
N ASN C 127 -0.74 11.45 -33.28
CA ASN C 127 -1.91 12.02 -32.60
C ASN C 127 -1.83 11.61 -31.10
N GLY C 128 -0.73 10.98 -30.72
CA GLY C 128 -0.60 10.53 -29.35
C GLY C 128 -1.62 9.43 -28.99
N GLN C 129 -1.80 8.51 -29.91
CA GLN C 129 -2.75 7.42 -29.73
C GLN C 129 -2.12 6.08 -30.05
N TYR C 130 -2.80 5.01 -29.66
CA TYR C 130 -2.28 3.66 -29.89
C TYR C 130 -3.14 2.84 -30.85
N PRO C 131 -2.82 2.89 -32.15
CA PRO C 131 -3.56 2.15 -33.17
C PRO C 131 -3.25 0.65 -33.18
N TYR C 132 -2.00 0.31 -32.91
CA TYR C 132 -1.54 -1.08 -32.94
C TYR C 132 -1.44 -1.77 -31.58
N THR C 133 -1.08 -1.01 -30.54
CA THR C 133 -0.92 -1.60 -29.21
C THR C 133 -2.20 -2.20 -28.64
N GLU C 134 -2.06 -3.41 -28.12
CA GLU C 134 -3.20 -4.13 -27.54
C GLU C 134 -2.76 -5.33 -26.71
N ILE C 135 -3.29 -5.43 -25.49
CA ILE C 135 -3.00 -6.55 -24.62
C ILE C 135 -4.08 -7.56 -24.94
N LYS C 136 -3.71 -8.69 -25.55
CA LYS C 136 -4.72 -9.67 -25.89
C LYS C 136 -4.56 -11.05 -25.24
N SER C 137 -5.69 -11.66 -24.96
CA SER C 137 -5.80 -12.98 -24.38
C SER C 137 -4.98 -13.37 -23.14
N ILE C 138 -5.41 -12.91 -21.97
CA ILE C 138 -4.75 -13.30 -20.74
C ILE C 138 -5.59 -14.48 -20.25
N ARG C 139 -4.99 -15.66 -20.06
CA ARG C 139 -5.75 -16.80 -19.59
C ARG C 139 -4.92 -17.79 -18.79
N VAL C 140 -5.59 -18.73 -18.14
CA VAL C 140 -4.92 -19.74 -17.32
C VAL C 140 -4.53 -20.96 -18.14
N ILE C 141 -3.23 -21.21 -18.23
CA ILE C 141 -2.73 -22.35 -18.99
C ILE C 141 -3.12 -23.64 -18.27
N ASN C 142 -2.77 -23.73 -16.99
CA ASN C 142 -3.10 -24.89 -16.17
C ASN C 142 -3.09 -24.53 -14.68
N LYS C 143 -3.98 -25.17 -13.93
CA LYS C 143 -4.09 -24.95 -12.49
C LYS C 143 -3.39 -26.09 -11.75
N ALA D 4 -20.75 3.86 -9.57
CA ALA D 4 -19.49 3.97 -8.78
C ALA D 4 -18.45 4.79 -9.53
N LYS D 5 -18.18 6.02 -9.06
CA LYS D 5 -17.17 6.85 -9.72
C LYS D 5 -16.59 8.01 -8.90
N ILE D 6 -15.39 8.44 -9.30
CA ILE D 6 -14.70 9.55 -8.66
C ILE D 6 -15.11 10.81 -9.45
N VAL D 7 -16.05 11.57 -8.88
CA VAL D 7 -16.58 12.78 -9.54
C VAL D 7 -15.54 13.75 -10.07
N ASP D 8 -15.84 14.30 -11.23
CA ASP D 8 -14.95 15.24 -11.93
C ASP D 8 -14.80 16.57 -11.20
N ILE D 9 -13.56 16.91 -10.84
CA ILE D 9 -13.31 18.16 -10.14
C ILE D 9 -12.42 19.08 -10.98
N SER D 10 -12.29 18.75 -12.26
CA SER D 10 -11.47 19.52 -13.20
C SER D 10 -11.74 21.02 -13.18
N SER D 11 -13.02 21.39 -13.24
CA SER D 11 -13.40 22.79 -13.26
C SER D 11 -13.68 23.45 -11.90
N LYS D 12 -13.30 22.77 -10.82
CA LYS D 12 -13.50 23.31 -9.48
C LYS D 12 -12.39 24.32 -9.22
N ASP D 13 -12.63 25.26 -8.30
CA ASP D 13 -11.62 26.26 -7.97
C ASP D 13 -10.57 25.67 -7.02
N ILE D 14 -9.36 26.23 -7.08
CA ILE D 14 -8.28 25.83 -6.19
C ILE D 14 -8.36 26.81 -5.03
N VAL D 15 -8.80 26.33 -3.88
CA VAL D 15 -8.91 27.18 -2.72
C VAL D 15 -8.54 26.43 -1.46
N LEU D 16 -8.25 27.17 -0.40
CA LEU D 16 -7.91 26.59 0.88
C LEU D 16 -9.02 25.64 1.34
N ARG D 17 -8.64 24.39 1.60
CA ARG D 17 -9.59 23.38 2.07
C ARG D 17 -9.10 22.92 3.46
N GLU D 18 -9.97 23.04 4.46
CA GLU D 18 -9.65 22.65 5.83
C GLU D 18 -10.77 21.82 6.44
N ALA D 19 -10.39 20.87 7.29
CA ALA D 19 -11.37 20.04 7.96
C ALA D 19 -10.83 19.69 9.34
N VAL D 20 -11.73 19.69 10.31
CA VAL D 20 -11.39 19.36 11.69
C VAL D 20 -12.38 18.31 12.11
N VAL D 21 -11.88 17.21 12.64
CA VAL D 21 -12.76 16.13 13.08
C VAL D 21 -12.43 15.74 14.51
N GLU D 22 -13.47 15.42 15.26
CA GLU D 22 -13.32 15.04 16.65
C GLU D 22 -13.85 13.63 16.87
N GLY D 23 -13.13 12.84 17.64
CA GLY D 23 -13.57 11.48 17.89
C GLY D 23 -13.29 11.10 19.32
N TYR D 24 -14.00 10.09 19.81
CA TYR D 24 -13.85 9.67 21.19
C TYR D 24 -13.90 8.17 21.39
N ILE D 25 -13.05 7.68 22.29
CA ILE D 25 -13.06 6.28 22.63
C ILE D 25 -13.20 6.15 24.14
N LYS D 26 -14.22 5.42 24.56
CA LYS D 26 -14.51 5.19 25.96
C LYS D 26 -13.61 4.06 26.47
N LEU D 27 -12.88 4.32 27.56
CA LEU D 27 -11.98 3.31 28.13
C LEU D 27 -12.13 3.23 29.65
N ARG D 28 -11.82 2.08 30.22
CA ARG D 28 -11.90 1.88 31.66
C ARG D 28 -10.93 2.86 32.30
N LYS D 29 -11.14 3.18 33.58
CA LYS D 29 -10.25 4.11 34.25
C LYS D 29 -8.91 3.46 34.56
N GLU D 30 -8.90 2.15 34.79
CA GLU D 30 -7.66 1.45 35.07
C GLU D 30 -6.77 1.54 33.84
N THR D 31 -7.39 1.69 32.69
CA THR D 31 -6.68 1.81 31.42
C THR D 31 -6.12 3.22 31.27
N ILE D 32 -6.97 4.22 31.42
CA ILE D 32 -6.54 5.61 31.31
C ILE D 32 -5.43 5.83 32.32
N GLU D 33 -5.49 5.10 33.42
CA GLU D 33 -4.48 5.18 34.46
C GLU D 33 -3.13 4.78 33.88
N LYS D 34 -3.09 3.63 33.22
CA LYS D 34 -1.85 3.15 32.61
C LYS D 34 -1.38 4.04 31.47
N ILE D 35 -2.31 4.65 30.75
CA ILE D 35 -1.92 5.53 29.65
C ILE D 35 -1.19 6.74 30.21
N LYS D 36 -1.77 7.38 31.22
CA LYS D 36 -1.16 8.55 31.87
C LYS D 36 0.24 8.21 32.38
N ASN D 37 0.34 7.08 33.09
CA ASN D 37 1.61 6.64 33.66
C ASN D 37 2.54 6.04 32.60
N LYS D 38 2.00 5.82 31.40
CA LYS D 38 2.77 5.23 30.32
C LYS D 38 3.24 3.84 30.73
N GLU D 39 2.31 3.05 31.24
CA GLU D 39 2.59 1.69 31.67
C GLU D 39 1.87 0.70 30.77
N VAL D 40 1.71 1.09 29.50
CA VAL D 40 1.07 0.25 28.51
C VAL D 40 2.17 -0.54 27.82
N GLU D 41 2.10 -1.87 27.92
CA GLU D 41 3.08 -2.75 27.33
C GLU D 41 3.40 -2.47 25.86
N LYS D 42 2.38 -2.31 25.04
CA LYS D 42 2.59 -2.06 23.61
C LYS D 42 3.29 -0.74 23.26
N GLY D 43 3.46 0.16 24.22
CA GLY D 43 4.15 1.41 23.91
C GLY D 43 3.43 2.72 24.19
N ASP D 44 4.04 3.82 23.76
CA ASP D 44 3.48 5.15 23.96
C ASP D 44 2.16 5.30 23.19
N VAL D 45 1.05 5.03 23.87
CA VAL D 45 -0.27 5.10 23.27
C VAL D 45 -0.54 6.35 22.43
N ILE D 46 -0.48 7.50 23.06
CA ILE D 46 -0.75 8.78 22.39
C ILE D 46 0.11 9.06 21.15
N THR D 47 1.43 8.98 21.29
CA THR D 47 2.29 9.25 20.15
C THR D 47 2.12 8.23 19.03
N VAL D 48 1.91 6.97 19.40
CA VAL D 48 1.73 5.92 18.40
C VAL D 48 0.41 6.12 17.64
N ALA D 49 -0.65 6.46 18.35
CA ALA D 49 -1.95 6.69 17.72
C ALA D 49 -1.90 7.90 16.81
N LYS D 50 -1.18 8.94 17.23
CA LYS D 50 -1.05 10.15 16.43
C LYS D 50 -0.30 9.87 15.14
N THR D 51 0.74 9.04 15.24
CA THR D 51 1.53 8.69 14.08
C THR D 51 0.68 7.87 13.12
N ALA D 52 -0.11 6.95 13.66
CA ALA D 52 -0.98 6.12 12.83
C ALA D 52 -2.02 7.00 12.16
N GLY D 53 -2.51 8.00 12.90
CA GLY D 53 -3.51 8.91 12.37
C GLY D 53 -2.99 9.77 11.24
N ILE D 54 -1.77 10.29 11.39
CA ILE D 54 -1.15 11.12 10.36
C ILE D 54 -0.99 10.27 9.09
N LEU D 55 -0.47 9.06 9.25
CA LEU D 55 -0.27 8.16 8.13
C LEU D 55 -1.60 7.84 7.44
N ALA D 56 -2.62 7.56 8.23
CA ALA D 56 -3.93 7.21 7.68
C ALA D 56 -4.50 8.36 6.86
N ALA D 57 -4.21 9.59 7.26
CA ALA D 57 -4.71 10.76 6.52
C ALA D 57 -4.24 10.64 5.08
N LYS D 58 -2.97 10.29 4.91
CA LYS D 58 -2.38 10.13 3.58
C LYS D 58 -2.86 8.88 2.84
N LYS D 59 -3.34 7.87 3.57
CA LYS D 59 -3.81 6.65 2.92
C LYS D 59 -5.31 6.67 2.58
N THR D 60 -5.99 7.77 2.93
CA THR D 60 -7.44 7.89 2.69
C THR D 60 -7.93 7.44 1.30
N PRO D 61 -7.34 7.98 0.22
CA PRO D 61 -7.74 7.61 -1.15
C PRO D 61 -7.53 6.14 -1.51
N GLU D 62 -6.61 5.51 -0.80
CA GLU D 62 -6.32 4.11 -1.01
C GLU D 62 -7.39 3.26 -0.30
N LEU D 63 -7.98 3.84 0.75
CA LEU D 63 -9.01 3.17 1.54
C LEU D 63 -10.45 3.46 1.12
N ILE D 64 -10.73 4.72 0.79
CA ILE D 64 -12.08 5.08 0.39
C ILE D 64 -12.12 5.14 -1.13
N PRO D 65 -12.85 4.20 -1.75
CA PRO D 65 -13.00 4.07 -3.20
C PRO D 65 -13.12 5.35 -4.03
N MET D 66 -14.15 6.14 -3.77
CA MET D 66 -14.35 7.34 -4.56
C MET D 66 -13.60 8.60 -4.15
N CYS D 67 -12.60 8.46 -3.27
CA CYS D 67 -11.84 9.63 -2.86
C CYS D 67 -10.74 10.00 -3.83
N HIS D 68 -10.49 11.30 -3.98
CA HIS D 68 -9.44 11.80 -4.86
C HIS D 68 -8.12 11.82 -4.14
N PRO D 69 -7.03 11.61 -4.89
CA PRO D 69 -5.74 11.68 -4.19
C PRO D 69 -5.49 13.19 -4.11
N ILE D 70 -5.30 13.75 -2.93
CA ILE D 70 -5.07 15.18 -2.86
C ILE D 70 -3.70 15.53 -2.26
N PRO D 71 -3.13 16.67 -2.68
CA PRO D 71 -1.82 17.11 -2.18
C PRO D 71 -1.90 17.74 -0.78
N LEU D 72 -2.03 16.91 0.25
CA LEU D 72 -2.12 17.39 1.62
C LEU D 72 -0.95 18.30 1.98
N GLU D 73 -1.26 19.40 2.65
CA GLU D 73 -0.22 20.35 3.05
C GLU D 73 -0.05 20.39 4.56
N PHE D 74 -1.05 19.93 5.29
CA PHE D 74 -0.98 19.95 6.75
C PHE D 74 -1.84 18.87 7.36
N VAL D 75 -1.30 18.18 8.35
CA VAL D 75 -2.05 17.14 9.05
C VAL D 75 -1.63 17.10 10.50
N ASP D 76 -2.60 17.24 11.39
CA ASP D 76 -2.32 17.22 12.81
C ASP D 76 -3.36 16.39 13.55
N VAL D 77 -2.88 15.52 14.43
CA VAL D 77 -3.78 14.70 15.21
C VAL D 77 -3.50 15.00 16.67
N GLU D 78 -4.48 15.53 17.35
CA GLU D 78 -4.33 15.85 18.77
C GLU D 78 -5.14 14.85 19.58
N ILE D 79 -4.52 14.32 20.62
CA ILE D 79 -5.21 13.36 21.47
C ILE D 79 -5.12 13.85 22.92
N LYS D 80 -6.27 13.96 23.58
CA LYS D 80 -6.30 14.40 24.97
C LYS D 80 -6.86 13.31 25.86
N ILE D 81 -6.26 13.14 27.02
CA ILE D 81 -6.70 12.13 27.99
C ILE D 81 -7.74 12.71 28.91
N GLU D 82 -8.93 12.09 28.92
CA GLU D 82 -10.02 12.52 29.79
C GLU D 82 -10.23 11.41 30.82
N GLU D 83 -11.06 11.66 31.82
CA GLU D 83 -11.30 10.67 32.87
C GLU D 83 -11.96 9.37 32.41
N GLU D 84 -12.87 9.46 31.44
CA GLU D 84 -13.57 8.28 30.94
C GLU D 84 -13.15 7.84 29.55
N GLY D 85 -12.15 8.49 28.96
CA GLY D 85 -11.71 8.08 27.63
C GLY D 85 -10.75 9.07 27.00
N LEU D 86 -10.38 8.82 25.75
CA LEU D 86 -9.49 9.72 25.03
C LEU D 86 -10.25 10.37 23.88
N ARG D 87 -9.98 11.65 23.65
CA ARG D 87 -10.63 12.38 22.59
C ARG D 87 -9.57 12.66 21.54
N VAL D 88 -9.93 12.46 20.28
CA VAL D 88 -9.00 12.70 19.18
C VAL D 88 -9.55 13.80 18.30
N ILE D 89 -8.70 14.76 17.96
CA ILE D 89 -9.11 15.85 17.08
C ILE D 89 -8.08 15.91 15.96
N SER D 90 -8.56 15.74 14.73
CA SER D 90 -7.66 15.76 13.60
C SER D 90 -7.96 16.93 12.69
N THR D 91 -6.90 17.58 12.23
CA THR D 91 -7.03 18.73 11.35
C THR D 91 -6.21 18.52 10.08
N VAL D 92 -6.81 18.77 8.93
CA VAL D 92 -6.12 18.62 7.64
C VAL D 92 -6.37 19.83 6.75
N LYS D 93 -5.32 20.29 6.08
CA LYS D 93 -5.41 21.46 5.21
C LYS D 93 -4.77 21.21 3.86
N ALA D 94 -5.26 21.93 2.86
CA ALA D 94 -4.73 21.83 1.49
C ALA D 94 -5.28 22.98 0.64
N HIS D 95 -4.69 23.17 -0.54
CA HIS D 95 -5.17 24.18 -1.48
C HIS D 95 -5.41 23.33 -2.72
N TYR D 96 -6.64 22.87 -2.86
CA TYR D 96 -6.97 22.00 -3.98
C TYR D 96 -8.43 22.19 -4.41
N LYS D 97 -8.87 21.42 -5.39
CA LYS D 97 -10.24 21.54 -5.87
C LYS D 97 -11.26 20.57 -5.30
N THR D 98 -11.01 20.06 -4.10
CA THR D 98 -11.96 19.19 -3.44
C THR D 98 -11.64 19.11 -1.95
N GLY D 99 -12.70 19.07 -1.13
CA GLY D 99 -12.55 19.04 0.31
C GLY D 99 -11.66 17.97 0.91
N VAL D 100 -11.35 18.14 2.20
CA VAL D 100 -10.49 17.21 2.93
C VAL D 100 -11.13 16.64 4.18
N GLU D 101 -12.46 16.60 4.22
CA GLU D 101 -13.14 16.07 5.40
C GLU D 101 -12.87 14.58 5.55
N MET D 102 -12.78 13.87 4.43
CA MET D 102 -12.55 12.43 4.49
C MET D 102 -11.18 12.11 5.08
N GLU D 103 -10.19 12.93 4.78
CA GLU D 103 -8.85 12.71 5.31
C GLU D 103 -8.86 12.89 6.82
N ALA D 104 -9.54 13.94 7.28
CA ALA D 104 -9.62 14.20 8.72
C ALA D 104 -10.45 13.14 9.44
N LEU D 105 -11.48 12.63 8.77
CA LEU D 105 -12.34 11.60 9.35
C LEU D 105 -11.58 10.27 9.48
N THR D 106 -10.71 10.00 8.51
CA THR D 106 -9.94 8.77 8.49
C THR D 106 -8.79 8.82 9.46
N ALA D 107 -8.15 9.99 9.58
CA ALA D 107 -7.06 10.15 10.51
C ALA D 107 -7.58 9.87 11.92
N THR D 108 -8.75 10.42 12.22
CA THR D 108 -9.35 10.24 13.53
C THR D 108 -9.80 8.81 13.74
N SER D 109 -10.41 8.21 12.72
CA SER D 109 -10.87 6.83 12.83
C SER D 109 -9.71 5.88 13.16
N VAL D 110 -8.59 6.05 12.46
CA VAL D 110 -7.43 5.19 12.67
C VAL D 110 -6.69 5.48 13.97
N ALA D 111 -6.76 6.73 14.41
CA ALA D 111 -6.11 7.12 15.66
C ALA D 111 -6.85 6.42 16.81
N LEU D 112 -8.16 6.35 16.69
CA LEU D 112 -8.98 5.72 17.71
C LEU D 112 -8.78 4.20 17.71
N LEU D 113 -8.72 3.60 16.53
CA LEU D 113 -8.49 2.16 16.40
C LEU D 113 -7.13 1.75 16.98
N THR D 114 -6.13 2.60 16.79
CA THR D 114 -4.79 2.33 17.30
C THR D 114 -4.78 2.37 18.82
N ILE D 115 -5.59 3.27 19.39
CA ILE D 115 -5.69 3.38 20.83
C ILE D 115 -6.31 2.07 21.32
N TRP D 116 -7.41 1.68 20.67
CA TRP D 116 -8.09 0.43 21.03
C TRP D 116 -7.09 -0.73 20.99
N ASP D 117 -6.34 -0.82 19.90
CA ASP D 117 -5.36 -1.91 19.75
C ASP D 117 -4.33 -1.93 20.88
N MET D 118 -3.77 -0.77 21.20
CA MET D 118 -2.75 -0.63 22.24
C MET D 118 -3.18 -1.13 23.62
N VAL D 119 -4.44 -0.91 23.98
CA VAL D 119 -4.94 -1.31 25.30
C VAL D 119 -5.93 -2.47 25.34
N LYS D 120 -5.98 -3.26 24.27
CA LYS D 120 -6.89 -4.40 24.18
C LYS D 120 -6.87 -5.24 25.45
N LYS D 121 -5.68 -5.68 25.83
CA LYS D 121 -5.45 -6.52 27.00
C LYS D 121 -6.08 -6.00 28.28
N TYR D 122 -6.08 -4.69 28.46
CA TYR D 122 -6.63 -4.09 29.66
C TYR D 122 -8.13 -3.84 29.60
N GLU D 123 -8.67 -3.70 28.41
CA GLU D 123 -10.09 -3.42 28.25
C GLU D 123 -10.99 -4.66 28.26
N LYS D 124 -10.43 -5.80 27.88
CA LYS D 124 -11.21 -7.05 27.84
C LYS D 124 -11.67 -7.47 29.22
N ASP D 125 -12.87 -8.03 29.31
CA ASP D 125 -13.37 -8.48 30.61
C ASP D 125 -12.95 -9.93 30.83
N GLU D 126 -13.48 -10.55 31.88
CA GLU D 126 -13.13 -11.91 32.22
C GLU D 126 -13.44 -12.94 31.13
N ASN D 127 -14.43 -12.65 30.28
CA ASN D 127 -14.80 -13.58 29.21
C ASN D 127 -14.16 -13.20 27.88
N GLY D 128 -13.19 -12.29 27.93
CA GLY D 128 -12.53 -11.86 26.70
C GLY D 128 -13.38 -10.92 25.86
N GLN D 129 -14.45 -10.39 26.43
CA GLN D 129 -15.33 -9.48 25.70
C GLN D 129 -14.94 -8.02 25.96
N TYR D 130 -15.48 -7.10 25.17
CA TYR D 130 -15.21 -5.68 25.35
C TYR D 130 -16.52 -4.97 25.67
N PRO D 131 -17.10 -5.26 26.86
CA PRO D 131 -18.36 -4.68 27.32
C PRO D 131 -18.37 -3.17 27.50
N TYR D 132 -17.23 -2.57 27.82
CA TYR D 132 -17.22 -1.13 28.02
C TYR D 132 -16.56 -0.31 26.92
N THR D 133 -15.60 -0.92 26.21
CA THR D 133 -14.90 -0.20 25.14
C THR D 133 -15.81 0.18 23.98
N GLU D 134 -15.70 1.43 23.53
CA GLU D 134 -16.54 1.90 22.44
C GLU D 134 -15.99 3.15 21.78
N ILE D 135 -16.11 3.21 20.46
CA ILE D 135 -15.67 4.39 19.73
C ILE D 135 -16.98 5.13 19.48
N LYS D 136 -17.09 6.32 20.07
CA LYS D 136 -18.31 7.10 19.94
C LYS D 136 -18.13 8.45 19.26
N SER D 137 -19.14 8.80 18.46
CA SER D 137 -19.19 10.09 17.81
C SER D 137 -17.98 10.66 17.07
N ILE D 138 -17.78 10.23 15.83
CA ILE D 138 -16.72 10.82 15.03
C ILE D 138 -17.49 11.83 14.18
N ARG D 139 -17.17 13.11 14.32
CA ARG D 139 -17.88 14.13 13.55
C ARG D 139 -16.99 15.24 13.02
N VAL D 140 -17.47 15.90 11.98
CA VAL D 140 -16.76 17.03 11.39
C VAL D 140 -17.17 18.25 12.20
N ILE D 141 -16.18 18.89 12.82
CA ILE D 141 -16.40 20.05 13.65
C ILE D 141 -16.47 21.36 12.87
N ASN D 142 -17.31 22.29 13.34
CA ASN D 142 -17.48 23.59 12.70
C ASN D 142 -16.38 24.60 13.03
N LYS D 143 -16.49 25.78 12.43
CA LYS D 143 -15.52 26.85 12.64
C LYS D 143 -14.11 26.42 12.23
N ALA E 4 16.82 1.98 -15.97
CA ALA E 4 15.49 2.10 -15.31
C ALA E 4 15.33 3.48 -14.70
N LYS E 5 14.28 4.21 -15.10
CA LYS E 5 14.04 5.54 -14.56
C LYS E 5 12.71 6.20 -14.92
N ILE E 6 12.30 7.13 -14.07
CA ILE E 6 11.07 7.91 -14.27
C ILE E 6 11.54 9.18 -14.98
N VAL E 7 11.24 9.27 -16.27
CA VAL E 7 11.67 10.41 -17.09
C VAL E 7 11.20 11.77 -16.61
N ASP E 8 12.11 12.74 -16.72
CA ASP E 8 11.86 14.11 -16.30
C ASP E 8 10.75 14.79 -17.11
N ILE E 9 9.72 15.25 -16.42
CA ILE E 9 8.62 15.93 -17.09
C ILE E 9 8.55 17.39 -16.67
N SER E 10 9.56 17.85 -15.94
CA SER E 10 9.64 19.22 -15.46
C SER E 10 9.35 20.24 -16.57
N SER E 11 10.03 20.09 -17.70
CA SER E 11 9.89 21.01 -18.82
C SER E 11 8.65 20.79 -19.68
N LYS E 12 7.59 20.27 -19.09
CA LYS E 12 6.37 20.05 -19.87
C LYS E 12 5.19 20.85 -19.35
N ASP E 13 4.28 21.21 -20.25
CA ASP E 13 3.10 22.00 -19.92
C ASP E 13 2.03 21.18 -19.24
N ILE E 14 1.27 21.85 -18.37
CA ILE E 14 0.16 21.22 -17.67
C ILE E 14 -1.02 21.32 -18.63
N VAL E 15 -1.45 20.20 -19.19
CA VAL E 15 -2.56 20.20 -20.14
C VAL E 15 -3.66 19.22 -19.75
N LEU E 16 -4.76 19.24 -20.50
CA LEU E 16 -5.87 18.33 -20.25
C LEU E 16 -5.38 16.95 -20.67
N ARG E 17 -5.52 15.98 -19.78
CA ARG E 17 -5.11 14.60 -20.07
C ARG E 17 -6.33 13.74 -19.84
N GLU E 18 -6.75 13.04 -20.89
CA GLU E 18 -7.93 12.21 -20.83
C GLU E 18 -7.63 10.88 -21.52
N ALA E 19 -8.21 9.80 -21.02
CA ALA E 19 -7.98 8.50 -21.61
C ALA E 19 -9.14 7.53 -21.41
N VAL E 20 -9.48 6.82 -22.47
CA VAL E 20 -10.55 5.85 -22.43
C VAL E 20 -9.99 4.50 -22.82
N VAL E 21 -10.24 3.50 -21.97
CA VAL E 21 -9.75 2.16 -22.22
C VAL E 21 -10.90 1.17 -22.21
N GLU E 22 -10.81 0.16 -23.07
CA GLU E 22 -11.85 -0.85 -23.16
C GLU E 22 -11.22 -2.22 -22.99
N GLY E 23 -11.93 -3.10 -22.28
CA GLY E 23 -11.42 -4.43 -22.03
C GLY E 23 -12.57 -5.43 -22.08
N TYR E 24 -12.26 -6.69 -22.32
CA TYR E 24 -13.30 -7.69 -22.42
C TYR E 24 -12.89 -9.02 -21.83
N ILE E 25 -13.82 -9.66 -21.12
CA ILE E 25 -13.56 -10.97 -20.53
C ILE E 25 -14.64 -11.94 -20.99
N LYS E 26 -14.19 -13.06 -21.57
CA LYS E 26 -15.11 -14.10 -22.06
C LYS E 26 -15.54 -14.99 -20.90
N LEU E 27 -16.85 -15.12 -20.71
CA LEU E 27 -17.39 -15.96 -19.64
C LEU E 27 -18.47 -16.89 -20.19
N ARG E 28 -18.79 -17.95 -19.43
CA ARG E 28 -19.82 -18.89 -19.83
C ARG E 28 -21.18 -18.20 -19.78
N LYS E 29 -22.13 -18.69 -20.57
CA LYS E 29 -23.47 -18.11 -20.58
C LYS E 29 -24.15 -18.30 -19.24
N GLU E 30 -23.92 -19.45 -18.62
CA GLU E 30 -24.51 -19.74 -17.31
C GLU E 30 -24.01 -18.73 -16.29
N THR E 31 -22.72 -18.40 -16.40
CA THR E 31 -22.11 -17.44 -15.49
C THR E 31 -22.75 -16.06 -15.69
N ILE E 32 -22.88 -15.67 -16.95
CA ILE E 32 -23.47 -14.38 -17.32
C ILE E 32 -24.88 -14.21 -16.78
N GLU E 33 -25.69 -15.26 -16.94
CA GLU E 33 -27.07 -15.22 -16.49
C GLU E 33 -27.11 -15.01 -14.98
N LYS E 34 -26.24 -15.69 -14.25
CA LYS E 34 -26.19 -15.54 -12.80
C LYS E 34 -25.75 -14.14 -12.40
N ILE E 35 -24.86 -13.55 -13.19
CA ILE E 35 -24.36 -12.21 -12.92
C ILE E 35 -25.50 -11.19 -13.00
N LYS E 36 -26.30 -11.26 -14.06
CA LYS E 36 -27.41 -10.33 -14.21
C LYS E 36 -28.53 -10.58 -13.19
N ASN E 37 -28.76 -11.85 -12.87
CA ASN E 37 -29.79 -12.19 -11.90
C ASN E 37 -29.23 -11.99 -10.49
N LYS E 38 -28.01 -11.47 -10.44
CA LYS E 38 -27.33 -11.22 -9.18
C LYS E 38 -27.44 -12.40 -8.24
N GLU E 39 -27.15 -13.59 -8.78
CA GLU E 39 -27.22 -14.82 -8.01
C GLU E 39 -25.82 -15.35 -7.78
N VAL E 40 -24.84 -14.44 -7.81
CA VAL E 40 -23.45 -14.82 -7.58
C VAL E 40 -23.15 -14.79 -6.08
N GLU E 41 -22.69 -15.91 -5.56
CA GLU E 41 -22.36 -16.04 -4.15
C GLU E 41 -21.53 -14.90 -3.56
N LYS E 42 -20.37 -14.63 -4.16
CA LYS E 42 -19.47 -13.59 -3.67
C LYS E 42 -20.00 -12.16 -3.62
N GLY E 43 -21.14 -11.90 -4.25
CA GLY E 43 -21.69 -10.55 -4.21
C GLY E 43 -21.94 -9.91 -5.57
N ASP E 44 -22.30 -8.63 -5.53
CA ASP E 44 -22.58 -7.84 -6.73
C ASP E 44 -21.35 -7.73 -7.60
N VAL E 45 -21.23 -8.62 -8.57
CA VAL E 45 -20.08 -8.65 -9.47
C VAL E 45 -19.70 -7.32 -10.14
N ILE E 46 -20.63 -6.69 -10.85
CA ILE E 46 -20.28 -5.46 -11.55
C ILE E 46 -19.88 -4.28 -10.65
N THR E 47 -20.58 -4.10 -9.53
CA THR E 47 -20.25 -2.99 -8.64
C THR E 47 -18.90 -3.20 -7.94
N VAL E 48 -18.68 -4.41 -7.44
CA VAL E 48 -17.43 -4.74 -6.76
C VAL E 48 -16.27 -4.52 -7.73
N ALA E 49 -16.49 -4.88 -8.99
CA ALA E 49 -15.45 -4.73 -10.01
C ALA E 49 -15.20 -3.26 -10.37
N LYS E 50 -16.25 -2.45 -10.36
CA LYS E 50 -16.06 -1.03 -10.67
C LYS E 50 -15.20 -0.45 -9.57
N THR E 51 -15.52 -0.78 -8.33
CA THR E 51 -14.79 -0.30 -7.17
C THR E 51 -13.32 -0.70 -7.24
N ALA E 52 -13.07 -1.96 -7.53
CA ALA E 52 -11.69 -2.43 -7.63
C ALA E 52 -10.97 -1.67 -8.74
N GLY E 53 -11.69 -1.42 -9.83
CA GLY E 53 -11.10 -0.70 -10.95
C GLY E 53 -10.79 0.75 -10.63
N ILE E 54 -11.68 1.42 -9.91
CA ILE E 54 -11.47 2.80 -9.55
C ILE E 54 -10.30 2.91 -8.56
N LEU E 55 -10.26 2.01 -7.59
CA LEU E 55 -9.16 2.00 -6.63
C LEU E 55 -7.86 1.75 -7.38
N ALA E 56 -7.89 0.81 -8.32
CA ALA E 56 -6.71 0.46 -9.11
C ALA E 56 -6.15 1.64 -9.87
N ALA E 57 -7.03 2.48 -10.40
CA ALA E 57 -6.58 3.66 -11.14
C ALA E 57 -5.62 4.48 -10.28
N LYS E 58 -5.95 4.57 -8.99
CA LYS E 58 -5.12 5.32 -8.07
C LYS E 58 -3.85 4.58 -7.65
N LYS E 59 -3.88 3.26 -7.68
CA LYS E 59 -2.69 2.49 -7.29
C LYS E 59 -1.70 2.29 -8.45
N THR E 60 -2.01 2.82 -9.62
CA THR E 60 -1.16 2.67 -10.79
C THR E 60 0.33 2.95 -10.55
N PRO E 61 0.67 4.07 -9.90
CA PRO E 61 2.09 4.35 -9.67
C PRO E 61 2.85 3.38 -8.76
N GLU E 62 2.16 2.68 -7.87
CA GLU E 62 2.88 1.73 -7.02
C GLU E 62 2.97 0.36 -7.68
N LEU E 63 2.21 0.15 -8.75
CA LEU E 63 2.23 -1.12 -9.47
C LEU E 63 3.15 -1.05 -10.69
N ILE E 64 3.19 0.10 -11.35
CA ILE E 64 4.01 0.29 -12.54
C ILE E 64 5.21 1.18 -12.18
N PRO E 65 6.41 0.58 -12.17
CA PRO E 65 7.69 1.20 -11.85
C PRO E 65 7.98 2.61 -12.33
N MET E 66 8.04 2.79 -13.64
CA MET E 66 8.37 4.09 -14.21
C MET E 66 7.24 5.11 -14.32
N CYS E 67 6.09 4.81 -13.72
CA CYS E 67 4.95 5.72 -13.75
C CYS E 67 5.07 6.84 -12.73
N HIS E 68 4.64 8.03 -13.13
CA HIS E 68 4.67 9.20 -12.25
C HIS E 68 3.46 9.21 -11.37
N PRO E 69 3.61 9.70 -10.13
CA PRO E 69 2.42 9.76 -9.26
C PRO E 69 1.68 10.99 -9.80
N ILE E 70 0.41 10.85 -10.17
CA ILE E 70 -0.32 11.99 -10.71
C ILE E 70 -1.62 12.32 -10.02
N PRO E 71 -2.03 13.60 -10.10
CA PRO E 71 -3.27 14.07 -9.49
C PRO E 71 -4.50 13.84 -10.37
N LEU E 72 -5.23 12.75 -10.11
CA LEU E 72 -6.43 12.42 -10.88
C LEU E 72 -7.63 13.29 -10.50
N GLU E 73 -8.35 13.77 -11.50
CA GLU E 73 -9.53 14.60 -11.27
C GLU E 73 -10.82 13.84 -11.53
N PHE E 74 -10.77 12.82 -12.37
CA PHE E 74 -11.96 12.04 -12.69
C PHE E 74 -11.62 10.58 -13.00
N VAL E 75 -12.42 9.65 -12.48
CA VAL E 75 -12.23 8.22 -12.72
C VAL E 75 -13.59 7.53 -12.77
N ASP E 76 -13.87 6.85 -13.87
CA ASP E 76 -15.12 6.15 -14.03
C ASP E 76 -14.85 4.81 -14.69
N VAL E 77 -15.49 3.77 -14.19
CA VAL E 77 -15.33 2.45 -14.74
C VAL E 77 -16.73 1.95 -15.03
N GLU E 78 -17.01 1.67 -16.29
CA GLU E 78 -18.33 1.19 -16.64
C GLU E 78 -18.23 -0.22 -17.17
N ILE E 79 -19.20 -1.03 -16.77
CA ILE E 79 -19.22 -2.42 -17.20
C ILE E 79 -20.61 -2.74 -17.74
N LYS E 80 -20.65 -3.38 -18.89
CA LYS E 80 -21.93 -3.75 -19.48
C LYS E 80 -21.91 -5.23 -19.87
N ILE E 81 -23.00 -5.91 -19.59
CA ILE E 81 -23.12 -7.32 -19.88
C ILE E 81 -23.48 -7.57 -21.34
N GLU E 82 -22.80 -8.54 -21.92
CA GLU E 82 -23.05 -8.93 -23.30
C GLU E 82 -23.44 -10.38 -23.27
N GLU E 83 -23.75 -10.97 -24.42
CA GLU E 83 -24.17 -12.36 -24.44
C GLU E 83 -23.12 -13.41 -24.04
N GLU E 84 -21.85 -13.13 -24.31
CA GLU E 84 -20.81 -14.10 -23.97
C GLU E 84 -19.66 -13.51 -23.16
N GLY E 85 -19.94 -12.46 -22.40
CA GLY E 85 -18.91 -11.85 -21.59
C GLY E 85 -19.24 -10.44 -21.11
N LEU E 86 -18.33 -9.86 -20.34
CA LEU E 86 -18.55 -8.51 -19.84
C LEU E 86 -17.56 -7.54 -20.49
N ARG E 87 -18.03 -6.33 -20.78
CA ARG E 87 -17.19 -5.32 -21.39
C ARG E 87 -16.93 -4.19 -20.42
N VAL E 88 -15.65 -3.93 -20.13
CA VAL E 88 -15.27 -2.87 -19.22
C VAL E 88 -14.73 -1.66 -19.97
N ILE E 89 -15.23 -0.48 -19.61
CA ILE E 89 -14.78 0.76 -20.21
C ILE E 89 -14.36 1.72 -19.10
N SER E 90 -13.07 2.04 -19.06
CA SER E 90 -12.52 2.93 -18.03
C SER E 90 -12.18 4.30 -18.61
N THR E 91 -12.52 5.35 -17.87
CA THR E 91 -12.25 6.73 -18.27
C THR E 91 -11.56 7.50 -17.14
N VAL E 92 -10.43 8.10 -17.45
CA VAL E 92 -9.65 8.86 -16.48
C VAL E 92 -9.28 10.23 -17.04
N LYS E 93 -9.30 11.25 -16.19
CA LYS E 93 -8.96 12.60 -16.60
C LYS E 93 -8.11 13.32 -15.55
N ALA E 94 -7.21 14.17 -16.03
CA ALA E 94 -6.35 14.95 -15.16
C ALA E 94 -5.72 16.11 -15.93
N HIS E 95 -5.12 17.05 -15.22
CA HIS E 95 -4.42 18.17 -15.84
C HIS E 95 -3.00 18.05 -15.35
N TYR E 96 -2.13 17.45 -16.18
CA TYR E 96 -0.76 17.24 -15.77
C TYR E 96 0.18 17.26 -16.96
N LYS E 97 1.48 17.13 -16.69
CA LYS E 97 2.46 17.15 -17.76
C LYS E 97 2.78 15.78 -18.32
N THR E 98 1.96 14.80 -17.96
CA THR E 98 2.13 13.45 -18.47
C THR E 98 0.77 12.78 -18.51
N GLY E 99 0.49 12.11 -19.63
CA GLY E 99 -0.79 11.45 -19.85
C GLY E 99 -1.28 10.51 -18.77
N VAL E 100 -2.50 10.00 -18.95
CA VAL E 100 -3.09 9.08 -17.99
C VAL E 100 -3.59 7.76 -18.57
N GLU E 101 -3.03 7.31 -19.69
CA GLU E 101 -3.51 6.05 -20.26
C GLU E 101 -3.16 4.85 -19.38
N MET E 102 -2.06 4.94 -18.64
CA MET E 102 -1.68 3.83 -17.77
C MET E 102 -2.73 3.63 -16.69
N GLU E 103 -3.27 4.75 -16.20
CA GLU E 103 -4.29 4.69 -15.16
C GLU E 103 -5.56 4.02 -15.67
N ALA E 104 -5.95 4.35 -16.90
CA ALA E 104 -7.15 3.78 -17.50
C ALA E 104 -6.92 2.31 -17.85
N LEU E 105 -5.70 1.99 -18.25
CA LEU E 105 -5.36 0.62 -18.59
C LEU E 105 -5.35 -0.25 -17.33
N THR E 106 -4.82 0.29 -16.23
CA THR E 106 -4.76 -0.44 -14.97
C THR E 106 -6.13 -0.62 -14.36
N ALA E 107 -6.95 0.43 -14.41
CA ALA E 107 -8.31 0.37 -13.88
C ALA E 107 -9.10 -0.74 -14.58
N THR E 108 -8.95 -0.85 -15.90
CA THR E 108 -9.66 -1.85 -16.66
C THR E 108 -9.15 -3.27 -16.36
N SER E 109 -7.84 -3.44 -16.30
CA SER E 109 -7.26 -4.74 -16.03
C SER E 109 -7.69 -5.28 -14.67
N VAL E 110 -7.70 -4.42 -13.66
CA VAL E 110 -8.10 -4.86 -12.33
C VAL E 110 -9.60 -5.13 -12.27
N ALA E 111 -10.39 -4.36 -13.00
CA ALA E 111 -11.83 -4.61 -12.98
C ALA E 111 -12.11 -5.98 -13.60
N LEU E 112 -11.41 -6.28 -14.68
CA LEU E 112 -11.57 -7.57 -15.36
C LEU E 112 -11.06 -8.69 -14.44
N LEU E 113 -9.96 -8.43 -13.73
CA LEU E 113 -9.41 -9.43 -12.83
C LEU E 113 -10.42 -9.71 -11.72
N THR E 114 -11.07 -8.66 -11.25
CA THR E 114 -12.04 -8.81 -10.20
C THR E 114 -13.27 -9.57 -10.71
N ILE E 115 -13.67 -9.35 -11.95
CA ILE E 115 -14.83 -10.08 -12.49
C ILE E 115 -14.51 -11.57 -12.47
N TRP E 116 -13.29 -11.90 -12.86
CA TRP E 116 -12.83 -13.29 -12.89
C TRP E 116 -12.90 -13.86 -11.47
N ASP E 117 -12.31 -13.15 -10.52
CA ASP E 117 -12.31 -13.63 -9.12
C ASP E 117 -13.71 -13.91 -8.60
N MET E 118 -14.64 -12.98 -8.85
CA MET E 118 -16.00 -13.10 -8.38
C MET E 118 -16.80 -14.28 -8.93
N VAL E 119 -16.33 -14.89 -10.01
CA VAL E 119 -17.06 -16.01 -10.60
C VAL E 119 -16.20 -17.24 -10.85
N LYS E 120 -15.04 -17.27 -10.19
CA LYS E 120 -14.09 -18.37 -10.30
C LYS E 120 -14.76 -19.76 -10.25
N LYS E 121 -15.66 -19.98 -9.32
CA LYS E 121 -16.29 -21.29 -9.20
C LYS E 121 -17.30 -21.63 -10.28
N TYR E 122 -17.87 -20.62 -10.93
CA TYR E 122 -18.85 -20.88 -11.97
C TYR E 122 -18.17 -21.13 -13.32
N GLU E 123 -16.94 -20.64 -13.46
CA GLU E 123 -16.18 -20.81 -14.70
C GLU E 123 -15.29 -22.05 -14.76
N LYS E 124 -14.91 -22.59 -13.61
CA LYS E 124 -14.05 -23.77 -13.57
C LYS E 124 -14.80 -25.04 -13.97
N ASP E 125 -14.13 -25.91 -14.70
CA ASP E 125 -14.73 -27.18 -15.11
C ASP E 125 -14.43 -28.22 -14.04
N GLU E 126 -14.75 -29.48 -14.32
CA GLU E 126 -14.54 -30.55 -13.34
C GLU E 126 -13.09 -30.91 -13.08
N ASN E 127 -12.17 -30.27 -13.78
CA ASN E 127 -10.74 -30.54 -13.56
C ASN E 127 -10.12 -29.35 -12.85
N GLY E 128 -10.95 -28.37 -12.52
CA GLY E 128 -10.46 -27.18 -11.84
C GLY E 128 -9.70 -26.32 -12.82
N GLN E 129 -9.99 -26.48 -14.10
CA GLN E 129 -9.33 -25.74 -15.18
C GLN E 129 -10.28 -24.69 -15.73
N TYR E 130 -9.73 -23.71 -16.45
CA TYR E 130 -10.54 -22.66 -17.07
C TYR E 130 -10.37 -22.74 -18.59
N PRO E 131 -11.13 -23.63 -19.24
CA PRO E 131 -11.04 -23.77 -20.70
C PRO E 131 -11.73 -22.68 -21.51
N TYR E 132 -12.75 -22.04 -20.94
CA TYR E 132 -13.47 -21.00 -21.69
C TYR E 132 -13.22 -19.56 -21.23
N THR E 133 -12.66 -19.38 -20.03
CA THR E 133 -12.43 -18.04 -19.52
C THR E 133 -11.16 -17.37 -20.02
N GLU E 134 -11.26 -16.07 -20.33
CA GLU E 134 -10.09 -15.30 -20.77
C GLU E 134 -10.36 -13.81 -20.96
N ILE E 135 -9.36 -13.02 -20.59
CA ILE E 135 -9.44 -11.57 -20.76
C ILE E 135 -9.00 -11.39 -22.21
N LYS E 136 -9.97 -11.04 -23.07
CA LYS E 136 -9.77 -10.88 -24.51
C LYS E 136 -8.93 -9.77 -25.10
N SER E 137 -9.28 -8.52 -24.84
CA SER E 137 -8.54 -7.43 -25.45
C SER E 137 -8.59 -6.04 -24.79
N ILE E 138 -7.54 -5.72 -24.05
CA ILE E 138 -7.46 -4.44 -23.39
C ILE E 138 -6.72 -3.46 -24.30
N ARG E 139 -7.35 -2.34 -24.63
CA ARG E 139 -6.73 -1.35 -25.50
C ARG E 139 -7.23 0.08 -25.26
N VAL E 140 -6.38 1.04 -25.57
CA VAL E 140 -6.72 2.45 -25.41
C VAL E 140 -7.59 2.88 -26.59
N ILE E 141 -8.86 3.18 -26.33
CA ILE E 141 -9.79 3.60 -27.37
C ILE E 141 -9.42 4.99 -27.86
N ASN E 142 -9.27 5.92 -26.92
CA ASN E 142 -8.93 7.29 -27.26
C ASN E 142 -8.19 7.97 -26.12
N LYS E 143 -7.21 8.81 -26.48
CA LYS E 143 -6.42 9.56 -25.52
C LYS E 143 -6.47 11.05 -25.88
N ALA F 4 4.89 14.63 16.14
CA ALA F 4 3.42 14.86 16.26
C ALA F 4 2.74 15.21 14.94
N LYS F 5 3.33 16.08 14.10
CA LYS F 5 2.64 16.45 12.85
C LYS F 5 3.41 16.78 11.56
N ILE F 6 2.64 16.87 10.48
CA ILE F 6 3.13 17.22 9.16
C ILE F 6 2.96 18.74 9.02
N VAL F 7 4.04 19.48 9.23
CA VAL F 7 4.05 20.94 9.16
C VAL F 7 3.43 21.52 7.89
N ASP F 8 2.79 22.68 8.02
CA ASP F 8 2.16 23.35 6.90
C ASP F 8 3.20 23.94 5.94
N ILE F 9 3.09 23.60 4.66
CA ILE F 9 4.02 24.10 3.63
C ILE F 9 3.35 25.10 2.69
N SER F 10 2.13 25.49 3.05
CA SER F 10 1.33 26.43 2.26
C SER F 10 2.07 27.72 1.88
N SER F 11 2.67 28.38 2.87
CA SER F 11 3.39 29.63 2.63
C SER F 11 4.67 29.45 1.83
N LYS F 12 5.15 28.21 1.72
CA LYS F 12 6.36 27.92 0.97
C LYS F 12 6.18 28.23 -0.51
N ASP F 13 7.29 28.39 -1.23
CA ASP F 13 7.24 28.69 -2.66
C ASP F 13 7.37 27.42 -3.48
N ILE F 14 6.76 27.43 -4.66
CA ILE F 14 6.83 26.28 -5.56
C ILE F 14 8.10 26.47 -6.39
N VAL F 15 9.11 25.68 -6.10
CA VAL F 15 10.36 25.78 -6.83
C VAL F 15 10.97 24.42 -7.13
N LEU F 16 12.08 24.46 -7.87
CA LEU F 16 12.81 23.27 -8.25
C LEU F 16 13.51 22.66 -7.03
N ARG F 17 13.17 21.40 -6.75
CA ARG F 17 13.75 20.66 -5.64
C ARG F 17 14.50 19.46 -6.25
N GLU F 18 15.73 19.24 -5.80
CA GLU F 18 16.53 18.12 -6.32
C GLU F 18 17.58 17.64 -5.32
N ALA F 19 17.72 16.33 -5.20
CA ALA F 19 18.69 15.77 -4.27
C ALA F 19 19.40 14.55 -4.85
N VAL F 20 20.66 14.36 -4.44
CA VAL F 20 21.43 13.22 -4.89
C VAL F 20 21.99 12.50 -3.67
N VAL F 21 21.62 11.23 -3.55
CA VAL F 21 22.06 10.43 -2.43
C VAL F 21 22.95 9.30 -2.91
N GLU F 22 23.97 9.02 -2.13
CA GLU F 22 24.90 7.94 -2.46
C GLU F 22 24.85 6.93 -1.33
N GLY F 23 24.83 5.65 -1.69
CA GLY F 23 24.78 4.58 -0.70
C GLY F 23 25.71 3.47 -1.15
N TYR F 24 26.12 2.64 -0.20
CA TYR F 24 27.04 1.56 -0.53
C TYR F 24 26.79 0.31 0.30
N ILE F 25 26.95 -0.85 -0.33
CA ILE F 25 26.80 -2.11 0.38
C ILE F 25 28.06 -2.95 0.15
N LYS F 26 28.65 -3.45 1.23
CA LYS F 26 29.85 -4.25 1.17
C LYS F 26 29.45 -5.70 0.87
N LEU F 27 30.04 -6.28 -0.17
CA LEU F 27 29.75 -7.67 -0.55
C LEU F 27 31.06 -8.44 -0.74
N ARG F 28 31.02 -9.75 -0.56
CA ARG F 28 32.24 -10.54 -0.73
C ARG F 28 32.56 -10.71 -2.22
N LYS F 29 33.85 -10.76 -2.54
CA LYS F 29 34.29 -10.88 -3.93
C LYS F 29 33.57 -11.91 -4.78
N GLU F 30 33.29 -13.09 -4.24
CA GLU F 30 32.62 -14.12 -5.02
C GLU F 30 31.18 -13.72 -5.34
N THR F 31 30.60 -12.88 -4.50
CA THR F 31 29.24 -12.41 -4.71
C THR F 31 29.28 -11.42 -5.85
N ILE F 32 30.28 -10.55 -5.84
CA ILE F 32 30.44 -9.55 -6.88
C ILE F 32 30.65 -10.19 -8.24
N GLU F 33 31.39 -11.30 -8.27
CA GLU F 33 31.65 -12.01 -9.51
C GLU F 33 30.35 -12.54 -10.10
N LYS F 34 29.50 -13.12 -9.26
CA LYS F 34 28.23 -13.67 -9.73
C LYS F 34 27.31 -12.57 -10.24
N ILE F 35 27.41 -11.39 -9.64
CA ILE F 35 26.58 -10.27 -10.06
C ILE F 35 27.00 -9.87 -11.49
N LYS F 36 28.30 -9.69 -11.69
CA LYS F 36 28.81 -9.30 -13.01
C LYS F 36 28.59 -10.36 -14.08
N ASN F 37 28.52 -11.63 -13.67
CA ASN F 37 28.34 -12.73 -14.61
C ASN F 37 26.86 -13.09 -14.77
N LYS F 38 25.98 -12.35 -14.10
CA LYS F 38 24.55 -12.63 -14.18
C LYS F 38 24.30 -14.07 -13.72
N GLU F 39 25.00 -14.50 -12.67
CA GLU F 39 24.84 -15.86 -12.15
C GLU F 39 24.05 -15.89 -10.85
N VAL F 40 23.29 -14.84 -10.58
CA VAL F 40 22.51 -14.79 -9.35
C VAL F 40 21.15 -15.45 -9.58
N GLU F 41 20.87 -16.46 -8.78
CA GLU F 41 19.63 -17.21 -8.86
C GLU F 41 18.34 -16.39 -8.86
N LYS F 42 18.32 -15.30 -8.10
CA LYS F 42 17.10 -14.50 -8.01
C LYS F 42 16.82 -13.56 -9.17
N GLY F 43 17.80 -13.34 -10.05
CA GLY F 43 17.58 -12.46 -11.19
C GLY F 43 18.63 -11.38 -11.38
N ASP F 44 18.34 -10.45 -12.27
CA ASP F 44 19.24 -9.35 -12.59
C ASP F 44 19.31 -8.38 -11.41
N VAL F 45 20.31 -8.55 -10.56
CA VAL F 45 20.48 -7.72 -9.37
C VAL F 45 20.40 -6.21 -9.61
N ILE F 46 21.17 -5.72 -10.58
CA ILE F 46 21.19 -4.29 -10.89
C ILE F 46 19.82 -3.71 -11.24
N THR F 47 19.16 -4.31 -12.24
CA THR F 47 17.86 -3.81 -12.66
C THR F 47 16.78 -3.97 -11.60
N VAL F 48 16.75 -5.14 -10.96
CA VAL F 48 15.76 -5.38 -9.93
C VAL F 48 15.89 -4.36 -8.81
N ALA F 49 17.13 -4.07 -8.40
CA ALA F 49 17.39 -3.11 -7.34
C ALA F 49 16.99 -1.71 -7.78
N LYS F 50 17.31 -1.35 -9.02
CA LYS F 50 16.95 -0.03 -9.54
C LYS F 50 15.44 0.14 -9.53
N THR F 51 14.72 -0.88 -10.02
CA THR F 51 13.26 -0.82 -10.08
C THR F 51 12.67 -0.67 -8.68
N ALA F 52 13.26 -1.36 -7.71
CA ALA F 52 12.79 -1.31 -6.34
C ALA F 52 13.04 0.09 -5.75
N GLY F 53 14.20 0.68 -6.08
CA GLY F 53 14.55 1.98 -5.56
C GLY F 53 13.64 3.07 -6.07
N ILE F 54 13.26 2.96 -7.33
CA ILE F 54 12.38 3.93 -7.97
C ILE F 54 10.98 3.83 -7.39
N LEU F 55 10.50 2.61 -7.21
CA LEU F 55 9.18 2.43 -6.62
C LEU F 55 9.23 2.98 -5.20
N ALA F 56 10.34 2.71 -4.52
CA ALA F 56 10.54 3.16 -3.15
C ALA F 56 10.43 4.69 -3.03
N ALA F 57 11.00 5.40 -3.99
CA ALA F 57 10.97 6.86 -4.00
C ALA F 57 9.53 7.33 -3.86
N LYS F 58 8.63 6.68 -4.59
CA LYS F 58 7.23 7.03 -4.54
C LYS F 58 6.52 6.64 -3.25
N LYS F 59 7.00 5.60 -2.57
CA LYS F 59 6.37 5.16 -1.32
C LYS F 59 6.82 5.90 -0.06
N THR F 60 7.80 6.79 -0.20
CA THR F 60 8.33 7.57 0.91
C THR F 60 7.26 8.10 1.88
N PRO F 61 6.27 8.85 1.39
CA PRO F 61 5.21 9.39 2.26
C PRO F 61 4.45 8.33 3.07
N GLU F 62 4.42 7.12 2.54
CA GLU F 62 3.75 5.99 3.16
C GLU F 62 4.62 5.37 4.25
N LEU F 63 5.94 5.47 4.08
CA LEU F 63 6.91 4.91 5.01
C LEU F 63 7.40 5.87 6.08
N ILE F 64 7.51 7.15 5.74
CA ILE F 64 7.97 8.16 6.69
C ILE F 64 6.77 9.01 7.12
N PRO F 65 6.35 8.84 8.38
CA PRO F 65 5.22 9.54 9.00
C PRO F 65 5.00 11.01 8.69
N MET F 66 6.00 11.84 8.97
CA MET F 66 5.81 13.27 8.74
C MET F 66 6.19 13.78 7.35
N CYS F 67 6.21 12.90 6.36
CA CYS F 67 6.52 13.28 4.99
C CYS F 67 5.26 13.65 4.24
N HIS F 68 5.34 14.68 3.40
CA HIS F 68 4.19 15.12 2.62
C HIS F 68 4.17 14.31 1.33
N PRO F 69 2.98 14.11 0.75
CA PRO F 69 2.91 13.37 -0.51
C PRO F 69 3.40 14.38 -1.55
N ILE F 70 4.30 13.95 -2.44
CA ILE F 70 4.87 14.87 -3.43
C ILE F 70 4.74 14.43 -4.89
N PRO F 71 4.46 15.39 -5.79
CA PRO F 71 4.33 15.08 -7.21
C PRO F 71 5.71 15.03 -7.86
N LEU F 72 6.41 13.91 -7.67
CA LEU F 72 7.75 13.71 -8.22
C LEU F 72 7.77 13.82 -9.73
N GLU F 73 8.77 14.52 -10.26
CA GLU F 73 8.89 14.70 -11.70
C GLU F 73 10.02 13.90 -12.33
N PHE F 74 10.93 13.41 -11.51
CA PHE F 74 12.06 12.64 -12.01
C PHE F 74 12.69 11.78 -10.92
N VAL F 75 12.84 10.49 -11.21
CA VAL F 75 13.47 9.57 -10.28
C VAL F 75 14.39 8.68 -11.09
N ASP F 76 15.66 8.64 -10.71
CA ASP F 76 16.64 7.81 -11.40
C ASP F 76 17.56 7.16 -10.37
N VAL F 77 17.82 5.87 -10.52
CA VAL F 77 18.70 5.17 -9.59
C VAL F 77 19.84 4.52 -10.36
N GLU F 78 21.06 4.95 -10.05
CA GLU F 78 22.26 4.43 -10.70
C GLU F 78 22.95 3.43 -9.77
N ILE F 79 23.44 2.34 -10.35
CA ILE F 79 24.11 1.31 -9.56
C ILE F 79 25.35 0.82 -10.29
N LYS F 80 26.51 1.05 -9.68
CA LYS F 80 27.78 0.64 -10.27
C LYS F 80 28.44 -0.42 -9.41
N ILE F 81 28.99 -1.44 -10.08
CA ILE F 81 29.66 -2.53 -9.39
C ILE F 81 31.11 -2.17 -9.13
N GLU F 82 31.55 -2.34 -7.89
CA GLU F 82 32.93 -2.05 -7.52
C GLU F 82 33.60 -3.32 -7.00
N GLU F 83 34.91 -3.25 -6.80
CA GLU F 83 35.67 -4.40 -6.34
C GLU F 83 35.16 -5.11 -5.10
N GLU F 84 34.73 -4.35 -4.09
CA GLU F 84 34.25 -4.95 -2.86
C GLU F 84 32.79 -4.66 -2.51
N GLY F 85 32.01 -4.25 -3.50
CA GLY F 85 30.61 -3.97 -3.23
C GLY F 85 29.96 -3.09 -4.29
N LEU F 86 28.66 -2.85 -4.13
CA LEU F 86 27.93 -2.00 -5.07
C LEU F 86 27.67 -0.60 -4.54
N ARG F 87 27.74 0.36 -5.46
CA ARG F 87 27.52 1.76 -5.15
C ARG F 87 26.18 2.19 -5.75
N VAL F 88 25.31 2.74 -4.91
CA VAL F 88 24.00 3.19 -5.39
C VAL F 88 23.93 4.72 -5.29
N ILE F 89 23.43 5.35 -6.35
CA ILE F 89 23.29 6.79 -6.39
C ILE F 89 21.91 7.15 -6.96
N SER F 90 21.08 7.74 -6.11
CA SER F 90 19.72 8.10 -6.50
C SER F 90 19.55 9.60 -6.68
N THR F 91 18.83 9.98 -7.74
CA THR F 91 18.57 11.38 -8.03
C THR F 91 17.07 11.57 -8.12
N VAL F 92 16.55 12.52 -7.36
CA VAL F 92 15.12 12.81 -7.38
C VAL F 92 14.92 14.30 -7.64
N LYS F 93 13.83 14.63 -8.34
CA LYS F 93 13.56 16.01 -8.68
C LYS F 93 12.06 16.32 -8.71
N ALA F 94 11.72 17.54 -8.33
CA ALA F 94 10.34 18.00 -8.32
C ALA F 94 10.29 19.53 -8.31
N HIS F 95 9.08 20.06 -8.47
CA HIS F 95 8.85 21.50 -8.43
C HIS F 95 7.67 21.54 -7.48
N TYR F 96 7.99 21.75 -6.19
CA TYR F 96 6.95 21.74 -5.18
C TYR F 96 7.36 22.54 -3.96
N LYS F 97 6.51 22.52 -2.94
CA LYS F 97 6.77 23.27 -1.72
C LYS F 97 7.59 22.55 -0.64
N THR F 98 8.09 21.35 -0.96
CA THR F 98 8.92 20.58 -0.04
C THR F 98 9.98 19.83 -0.83
N GLY F 99 11.24 19.99 -0.43
CA GLY F 99 12.37 19.33 -1.08
C GLY F 99 12.16 17.85 -1.28
N VAL F 100 13.18 17.16 -1.79
CA VAL F 100 13.06 15.73 -2.05
C VAL F 100 14.21 14.86 -1.52
N GLU F 101 14.90 15.31 -0.47
CA GLU F 101 15.99 14.51 0.08
C GLU F 101 15.49 13.16 0.59
N MET F 102 14.36 13.16 1.29
CA MET F 102 13.83 11.92 1.83
C MET F 102 13.49 10.89 0.76
N GLU F 103 12.96 11.35 -0.37
CA GLU F 103 12.62 10.45 -1.44
C GLU F 103 13.91 9.85 -1.95
N ALA F 104 14.94 10.67 -2.07
CA ALA F 104 16.24 10.20 -2.54
C ALA F 104 16.91 9.21 -1.58
N LEU F 105 16.77 9.45 -0.29
CA LEU F 105 17.35 8.58 0.73
C LEU F 105 16.62 7.24 0.77
N THR F 106 15.30 7.28 0.62
CA THR F 106 14.47 6.09 0.65
C THR F 106 14.73 5.21 -0.57
N ALA F 107 14.81 5.83 -1.75
CA ALA F 107 15.11 5.09 -2.98
C ALA F 107 16.45 4.35 -2.80
N THR F 108 17.45 5.09 -2.35
CA THR F 108 18.76 4.49 -2.15
C THR F 108 18.76 3.38 -1.11
N SER F 109 18.06 3.58 0.00
CA SER F 109 17.98 2.58 1.06
C SER F 109 17.32 1.28 0.58
N VAL F 110 16.20 1.41 -0.11
CA VAL F 110 15.47 0.24 -0.61
C VAL F 110 16.26 -0.47 -1.71
N ALA F 111 17.01 0.27 -2.51
CA ALA F 111 17.80 -0.33 -3.57
C ALA F 111 18.90 -1.20 -2.93
N LEU F 112 19.50 -0.69 -1.88
CA LEU F 112 20.54 -1.43 -1.19
C LEU F 112 19.95 -2.66 -0.48
N LEU F 113 18.79 -2.51 0.15
CA LEU F 113 18.14 -3.63 0.82
C LEU F 113 17.86 -4.71 -0.21
N THR F 114 17.43 -4.28 -1.40
CA THR F 114 17.12 -5.19 -2.48
C THR F 114 18.35 -5.95 -2.98
N ILE F 115 19.49 -5.27 -3.00
CA ILE F 115 20.73 -5.92 -3.43
C ILE F 115 21.04 -7.07 -2.44
N TRP F 116 20.93 -6.77 -1.15
CA TRP F 116 21.20 -7.73 -0.08
C TRP F 116 20.27 -8.94 -0.22
N ASP F 117 18.98 -8.66 -0.37
CA ASP F 117 17.99 -9.74 -0.51
C ASP F 117 18.30 -10.65 -1.68
N MET F 118 18.78 -10.04 -2.76
CA MET F 118 19.12 -10.76 -3.98
C MET F 118 20.31 -11.70 -3.82
N VAL F 119 21.31 -11.31 -3.03
CA VAL F 119 22.50 -12.14 -2.86
C VAL F 119 22.68 -12.79 -1.49
N LYS F 120 21.59 -12.87 -0.73
CA LYS F 120 21.60 -13.48 0.60
C LYS F 120 22.30 -14.83 0.59
N LYS F 121 21.86 -15.72 -0.28
CA LYS F 121 22.41 -17.06 -0.39
C LYS F 121 23.93 -17.09 -0.56
N TYR F 122 24.50 -16.06 -1.20
CA TYR F 122 25.93 -15.98 -1.44
C TYR F 122 26.70 -15.25 -0.31
N GLU F 123 25.99 -14.45 0.48
CA GLU F 123 26.62 -13.74 1.58
C GLU F 123 26.66 -14.54 2.87
N LYS F 124 25.61 -15.29 3.15
CA LYS F 124 25.54 -16.10 4.37
C LYS F 124 26.77 -16.95 4.60
N ASP F 125 26.97 -17.35 5.85
CA ASP F 125 28.07 -18.24 6.19
C ASP F 125 27.41 -19.57 6.55
N GLU F 126 28.18 -20.53 7.04
CA GLU F 126 27.63 -21.84 7.40
C GLU F 126 26.64 -21.77 8.54
N ASN F 127 26.68 -20.67 9.28
CA ASN F 127 25.77 -20.47 10.42
C ASN F 127 24.51 -19.72 10.02
N GLY F 128 24.50 -19.15 8.82
CA GLY F 128 23.35 -18.40 8.37
C GLY F 128 23.46 -16.96 8.81
N GLN F 129 24.66 -16.55 9.17
CA GLN F 129 24.93 -15.19 9.60
C GLN F 129 25.56 -14.39 8.46
N TYR F 130 25.67 -13.08 8.66
CA TYR F 130 26.25 -12.21 7.66
C TYR F 130 27.40 -11.43 8.27
N PRO F 131 28.55 -12.08 8.45
CA PRO F 131 29.75 -11.48 9.03
C PRO F 131 30.45 -10.47 8.12
N TYR F 132 30.13 -10.50 6.83
CA TYR F 132 30.76 -9.58 5.90
C TYR F 132 29.81 -8.52 5.34
N THR F 133 28.61 -8.95 4.96
CA THR F 133 27.61 -8.04 4.39
C THR F 133 27.31 -6.84 5.28
N GLU F 134 27.30 -5.65 4.68
CA GLU F 134 27.03 -4.44 5.44
C GLU F 134 26.69 -3.24 4.58
N ILE F 135 25.60 -2.56 4.94
CA ILE F 135 25.22 -1.34 4.24
C ILE F 135 26.04 -0.31 5.00
N LYS F 136 27.03 0.23 4.31
CA LYS F 136 27.99 1.15 4.91
C LYS F 136 27.65 2.62 5.18
N SER F 137 27.26 3.37 4.16
CA SER F 137 27.04 4.79 4.37
C SER F 137 26.12 5.58 3.43
N ILE F 138 24.85 5.63 3.78
CA ILE F 138 23.86 6.36 3.00
C ILE F 138 23.92 7.85 3.35
N ARG F 139 24.07 8.71 2.34
CA ARG F 139 24.12 10.14 2.58
C ARG F 139 23.71 11.03 1.41
N VAL F 140 23.30 12.25 1.75
CA VAL F 140 22.89 13.24 0.76
C VAL F 140 24.18 13.93 0.30
N ILE F 141 24.64 13.60 -0.90
CA ILE F 141 25.88 14.19 -1.43
C ILE F 141 25.66 15.55 -2.08
N ASN F 142 24.41 15.87 -2.39
CA ASN F 142 24.12 17.16 -2.99
C ASN F 142 22.64 17.38 -3.16
N LYS F 143 22.23 18.63 -3.00
CA LYS F 143 20.84 19.00 -3.17
C LYS F 143 20.74 20.50 -3.46
N ILE F 144 19.75 20.87 -4.27
CA ILE F 144 19.54 22.26 -4.64
C ILE F 144 19.25 23.10 -3.41
N LYS F 145 19.81 24.31 -3.38
CA LYS F 145 19.60 25.21 -2.25
C LYS F 145 18.24 25.88 -2.42
N THR F 146 17.44 25.84 -1.37
CA THR F 146 16.12 26.45 -1.41
C THR F 146 16.06 27.59 -0.41
N TYR F 147 15.25 28.61 -0.72
CA TYR F 147 15.08 29.75 0.16
C TYR F 147 13.63 29.83 0.58
#